data_8HCC
#
_entry.id   8HCC
#
_cell.length_a   71.197
_cell.length_b   86.433
_cell.length_c   75.218
_cell.angle_alpha   90.000
_cell.angle_beta   97.600
_cell.angle_gamma   90.000
#
_symmetry.space_group_name_H-M   'P 1 21 1'
#
loop_
_entity.id
_entity.type
_entity.pdbx_description
1 polymer 'Three-prime repair exonuclease 1'
2 non-polymer 'ADENOSINE MONOPHOSPHATE'
3 non-polymer 'MAGNESIUM ION'
4 non-polymer 'SODIUM ION'
5 water water
#
_entity_poly.entity_id   1
_entity_poly.type   'polypeptide(L)'
_entity_poly.pdbx_seq_one_letter_code
;MGSSHHHHHHSSGLVPRGSHMASMTGGQQMGRGSMGSQTLPHGHMQTLIFLDLEATGLPSSRPEVTELCLLAVHRRALEN
TSISQGHPPPVPRPPRVVDKLSLCIAPGKACSPGASEITGLSKAELEVQGRQRFDDNLAILLRAFLQRQPQPCCLVAHNG
DRYDFPLLQTELARLSTPSPLDGTFCVDSIAALKALEQASSPSGNGSRKSYSLGSIYTRLYWQAPTDSHTAEGDVLTLLS
ICQWKPQALLQWVDEHARPFSTVKPMYGTPATTGTT
;
_entity_poly.pdbx_strand_id   A,B,C,D
#
# COMPACT_ATOMS: atom_id res chain seq x y z
N GLN A 38 38.64 -23.04 10.33
CA GLN A 38 38.60 -23.99 9.22
C GLN A 38 37.22 -24.65 9.11
N THR A 39 36.37 -24.41 10.09
CA THR A 39 34.92 -24.61 9.96
C THR A 39 34.26 -23.34 10.51
N LEU A 40 33.82 -22.45 9.62
CA LEU A 40 33.25 -21.18 10.04
C LEU A 40 31.85 -21.38 10.61
N PRO A 41 31.41 -20.49 11.51
CA PRO A 41 30.07 -20.66 12.09
C PRO A 41 28.94 -20.41 11.12
N HIS A 42 29.10 -19.46 10.19
CA HIS A 42 28.00 -19.10 9.32
C HIS A 42 28.48 -18.85 7.90
N GLY A 43 29.58 -19.50 7.50
CA GLY A 43 30.11 -19.32 6.17
C GLY A 43 30.82 -17.97 5.99
N HIS A 44 31.33 -17.78 4.78
CA HIS A 44 31.98 -16.53 4.41
C HIS A 44 30.96 -15.40 4.27
N MET A 45 31.19 -14.31 4.97
CA MET A 45 30.35 -13.14 4.82
C MET A 45 30.59 -12.53 3.44
N GLN A 46 29.52 -12.40 2.65
CA GLN A 46 29.64 -11.88 1.30
C GLN A 46 29.54 -10.36 1.27
N THR A 47 28.78 -9.77 2.19
CA THR A 47 28.67 -8.34 2.31
C THR A 47 28.99 -7.93 3.74
N LEU A 48 29.83 -6.91 3.88
CA LEU A 48 30.05 -6.23 5.14
C LEU A 48 29.30 -4.91 5.08
N ILE A 49 28.42 -4.66 6.04
CA ILE A 49 27.70 -3.40 6.10
C ILE A 49 28.26 -2.62 7.28
N PHE A 50 29.14 -1.67 6.99
CA PHE A 50 29.63 -0.77 8.01
C PHE A 50 28.50 0.15 8.43
N LEU A 51 28.32 0.25 9.74
CA LEU A 51 27.12 0.85 10.31
C LEU A 51 27.54 1.80 11.43
N ASP A 52 26.91 2.97 11.46
CA ASP A 52 27.06 3.86 12.58
C ASP A 52 25.75 4.57 12.84
N LEU A 53 25.54 4.90 14.11
CA LEU A 53 24.37 5.65 14.53
C LEU A 53 24.83 6.86 15.35
N GLU A 54 24.12 7.98 15.19
CA GLU A 54 24.12 9.04 16.20
C GLU A 54 22.81 8.94 16.97
N ALA A 55 22.83 9.44 18.20
CA ALA A 55 21.65 9.34 19.04
C ALA A 55 21.64 10.50 20.04
N THR A 56 20.62 10.48 20.91
CA THR A 56 20.38 11.60 21.81
C THR A 56 21.32 11.62 23.02
N GLY A 57 22.01 10.52 23.32
CA GLY A 57 22.99 10.57 24.39
C GLY A 57 23.52 9.21 24.75
N LEU A 58 24.12 9.14 25.96
CA LEU A 58 24.76 7.95 26.47
C LEU A 58 23.72 6.97 27.01
N PRO A 59 24.10 5.70 27.16
CA PRO A 59 23.09 4.66 27.45
C PRO A 59 22.24 4.93 28.68
N SER A 60 22.82 5.52 29.73
CA SER A 60 22.04 5.79 30.94
C SER A 60 20.88 6.75 30.69
N SER A 61 20.92 7.53 29.62
CA SER A 61 19.84 8.44 29.32
C SER A 61 18.70 7.80 28.53
N ARG A 62 18.79 6.50 28.22
CA ARG A 62 17.79 5.81 27.39
C ARG A 62 17.68 6.49 26.03
N PRO A 63 18.76 6.49 25.24
CA PRO A 63 18.79 7.33 24.04
C PRO A 63 17.90 6.80 22.92
N GLU A 64 17.61 7.71 21.98
CA GLU A 64 16.92 7.42 20.75
C GLU A 64 17.78 7.85 19.57
N VAL A 65 17.69 7.08 18.48
CA VAL A 65 18.52 7.31 17.31
C VAL A 65 18.14 8.62 16.62
N THR A 66 19.16 9.40 16.25
CA THR A 66 18.98 10.63 15.49
C THR A 66 19.55 10.57 14.07
N GLU A 67 20.46 9.63 13.80
CA GLU A 67 21.04 9.51 12.47
C GLU A 67 21.53 8.09 12.30
N LEU A 68 21.37 7.57 11.09
CA LEU A 68 21.74 6.19 10.77
C LEU A 68 22.46 6.19 9.43
N CYS A 69 23.60 5.49 9.35
CA CYS A 69 24.28 5.32 8.07
C CYS A 69 24.70 3.88 7.89
N LEU A 70 24.38 3.33 6.72
CA LEU A 70 24.80 2.01 6.32
C LEU A 70 25.65 2.14 5.06
N LEU A 71 26.78 1.42 5.03
CA LEU A 71 27.68 1.41 3.88
C LEU A 71 27.98 -0.05 3.55
N ALA A 72 27.40 -0.57 2.48
CA ALA A 72 27.50 -1.98 2.15
C ALA A 72 28.63 -2.20 1.14
N VAL A 73 29.57 -3.07 1.49
CA VAL A 73 30.76 -3.34 0.71
C VAL A 73 30.83 -4.84 0.48
N HIS A 74 30.99 -5.24 -0.78
CA HIS A 74 31.19 -6.65 -1.06
C HIS A 74 32.54 -7.12 -0.57
N ARG A 75 32.60 -8.39 -0.15
CA ARG A 75 33.84 -8.89 0.44
C ARG A 75 34.99 -8.84 -0.55
N ARG A 76 34.70 -8.94 -1.85
CA ARG A 76 35.78 -8.89 -2.84
C ARG A 76 36.42 -7.51 -2.89
N ALA A 77 35.69 -6.46 -2.53
CA ALA A 77 36.32 -5.14 -2.45
C ALA A 77 37.35 -5.10 -1.32
N LEU A 78 37.13 -5.88 -0.26
CA LEU A 78 38.11 -5.98 0.83
C LEU A 78 39.24 -6.92 0.46
N GLU A 79 38.91 -8.05 -0.16
CA GLU A 79 39.97 -8.93 -0.64
C GLU A 79 40.92 -8.19 -1.58
N ASN A 80 40.41 -7.21 -2.33
CA ASN A 80 41.20 -6.47 -3.31
C ASN A 80 41.58 -5.09 -2.80
N THR A 81 41.89 -4.97 -1.51
CA THR A 81 42.44 -3.76 -0.95
C THR A 81 43.94 -3.95 -0.75
N SER A 82 44.72 -2.94 -1.12
CA SER A 82 46.17 -3.02 -0.97
C SER A 82 46.52 -3.05 0.51
N ILE A 83 47.44 -3.95 0.89
CA ILE A 83 47.84 -4.02 2.29
C ILE A 83 48.72 -2.83 2.63
N SER A 84 48.68 -2.43 3.91
CA SER A 84 49.36 -1.23 4.36
C SER A 84 50.85 -1.48 4.54
N GLN A 85 51.67 -0.69 3.87
CA GLN A 85 53.10 -0.65 4.10
C GLN A 85 53.55 0.80 4.14
N GLY A 86 54.71 1.03 4.74
CA GLY A 86 55.18 2.37 5.00
C GLY A 86 54.75 2.85 6.37
N HIS A 87 55.31 3.99 6.77
CA HIS A 87 55.08 4.53 8.11
C HIS A 87 55.07 6.04 8.04
N PRO A 88 53.88 6.67 8.09
CA PRO A 88 52.57 6.01 8.14
C PRO A 88 52.12 5.48 6.78
N PRO A 89 51.32 4.41 6.74
CA PRO A 89 50.67 4.06 5.48
C PRO A 89 49.66 5.12 5.08
N PRO A 90 49.37 5.26 3.79
CA PRO A 90 48.29 6.17 3.38
C PRO A 90 46.93 5.61 3.78
N VAL A 91 45.97 6.51 3.94
CA VAL A 91 44.60 6.07 4.22
C VAL A 91 44.08 5.30 3.01
N PRO A 92 43.58 4.07 3.16
CA PRO A 92 43.17 3.30 1.98
C PRO A 92 42.08 4.00 1.18
N ARG A 93 42.09 3.75 -0.11
CA ARG A 93 41.01 4.17 -0.99
C ARG A 93 39.75 3.39 -0.67
N PRO A 94 38.60 4.04 -0.52
CA PRO A 94 37.35 3.29 -0.42
C PRO A 94 37.03 2.61 -1.75
N PRO A 95 36.26 1.53 -1.74
CA PRO A 95 35.91 0.87 -3.00
C PRO A 95 35.04 1.79 -3.85
N ARG A 96 35.19 1.64 -5.17
CA ARG A 96 34.34 2.37 -6.12
C ARG A 96 32.89 1.93 -5.98
N VAL A 97 32.65 0.63 -5.83
CA VAL A 97 31.30 0.10 -5.77
C VAL A 97 30.91 -0.05 -4.31
N VAL A 98 30.00 0.81 -3.85
CA VAL A 98 29.43 0.72 -2.51
C VAL A 98 27.97 1.13 -2.58
N ASP A 99 27.17 0.56 -1.69
CA ASP A 99 25.83 1.06 -1.44
C ASP A 99 25.86 1.87 -0.15
N LYS A 100 25.24 3.06 -0.17
CA LYS A 100 25.22 3.94 0.98
C LYS A 100 23.80 4.38 1.27
N LEU A 101 23.44 4.36 2.55
CA LEU A 101 22.17 4.91 3.02
C LEU A 101 22.47 5.72 4.28
N SER A 102 22.11 7.00 4.26
CA SER A 102 22.31 7.88 5.41
C SER A 102 21.02 8.63 5.67
N LEU A 103 20.46 8.47 6.87
CA LEU A 103 19.16 9.04 7.18
C LEU A 103 19.17 9.74 8.54
N CYS A 104 18.56 10.92 8.60
CA CYS A 104 18.34 11.63 9.85
C CYS A 104 16.93 11.32 10.36
N ILE A 105 16.81 11.23 11.69
CA ILE A 105 15.62 10.69 12.35
C ILE A 105 15.25 11.60 13.50
N ALA A 106 13.99 12.03 13.53
CA ALA A 106 13.48 12.82 14.64
C ALA A 106 13.35 11.95 15.89
N PRO A 107 14.01 12.28 16.99
CA PRO A 107 13.85 11.49 18.22
C PRO A 107 12.63 11.96 19.00
N GLY A 108 12.19 11.11 19.92
CA GLY A 108 11.12 11.48 20.82
C GLY A 108 11.56 12.21 22.07
N LYS A 109 12.86 12.44 22.21
CA LYS A 109 13.40 13.15 23.37
C LYS A 109 14.58 13.98 22.91
N ALA A 110 14.93 14.98 23.70
CA ALA A 110 15.99 15.89 23.33
C ALA A 110 17.36 15.23 23.39
N CYS A 111 18.29 15.76 22.60
CA CYS A 111 19.68 15.37 22.70
C CYS A 111 20.30 16.01 23.95
N SER A 112 21.24 15.30 24.55
CA SER A 112 22.06 15.87 25.61
C SER A 112 22.93 17.01 25.05
N PRO A 113 23.31 17.98 25.88
CA PRO A 113 24.11 19.10 25.36
C PRO A 113 25.38 18.67 24.66
N GLY A 114 26.13 17.73 25.25
CA GLY A 114 27.33 17.25 24.60
C GLY A 114 27.03 16.46 23.34
N ALA A 115 26.02 15.59 23.38
CA ALA A 115 25.65 14.85 22.18
C ALA A 115 25.26 15.80 21.05
N SER A 116 24.48 16.83 21.37
CA SER A 116 24.05 17.78 20.36
C SER A 116 25.24 18.52 19.77
N GLU A 117 26.19 18.94 20.61
CA GLU A 117 27.33 19.70 20.13
C GLU A 117 28.21 18.86 19.23
N ILE A 118 28.57 17.65 19.65
CA ILE A 118 29.53 16.86 18.87
C ILE A 118 28.91 16.32 17.60
N THR A 119 27.59 16.06 17.59
CA THR A 119 26.96 15.52 16.38
C THR A 119 26.40 16.60 15.46
N GLY A 120 26.23 17.83 15.96
CA GLY A 120 25.59 18.88 15.19
C GLY A 120 24.10 18.68 14.97
N LEU A 121 23.47 17.79 15.73
CA LEU A 121 22.04 17.52 15.62
C LEU A 121 21.32 17.91 16.90
N SER A 122 20.06 18.30 16.75
CA SER A 122 19.16 18.57 17.86
C SER A 122 17.76 18.11 17.47
N LYS A 123 16.97 17.78 18.48
CA LYS A 123 15.58 17.39 18.23
C LYS A 123 14.82 18.50 17.51
N ALA A 124 14.96 19.74 17.99
CA ALA A 124 14.21 20.84 17.40
C ALA A 124 14.53 21.02 15.93
N GLU A 125 15.81 20.93 15.55
CA GLU A 125 16.17 21.19 14.17
C GLU A 125 15.75 20.02 13.27
N LEU A 126 15.85 18.78 13.77
CA LEU A 126 15.37 17.65 12.99
C LEU A 126 13.88 17.79 12.71
N GLU A 127 13.13 18.35 13.65
CA GLU A 127 11.67 18.46 13.49
C GLU A 127 11.31 19.56 12.49
N VAL A 128 11.98 20.70 12.55
CA VAL A 128 11.68 21.76 11.60
C VAL A 128 12.15 21.39 10.19
N GLN A 129 13.15 20.52 10.07
CA GLN A 129 13.52 19.97 8.77
C GLN A 129 12.69 18.75 8.39
N GLY A 130 11.56 18.56 9.07
CA GLY A 130 10.58 17.57 8.67
C GLY A 130 10.98 16.13 8.81
N ARG A 131 12.00 15.80 9.60
CA ARG A 131 12.40 14.40 9.75
C ARG A 131 11.31 13.61 10.46
N GLN A 132 11.09 12.39 10.01
CA GLN A 132 10.12 11.51 10.65
C GLN A 132 10.81 10.67 11.73
N ARG A 133 10.00 10.19 12.66
CA ARG A 133 10.49 9.32 13.71
C ARG A 133 10.89 7.96 13.13
N PHE A 134 11.56 7.15 13.96
CA PHE A 134 11.85 5.75 13.68
C PHE A 134 10.53 4.98 13.57
N ASP A 135 10.12 4.60 12.36
CA ASP A 135 8.78 4.09 12.17
C ASP A 135 8.79 2.88 11.24
N ASP A 136 7.59 2.35 10.97
CA ASP A 136 7.46 1.18 10.11
C ASP A 136 8.07 1.41 8.74
N ASN A 137 7.85 2.59 8.15
CA ASN A 137 8.37 2.83 6.81
C ASN A 137 9.89 2.78 6.77
N LEU A 138 10.55 3.24 7.84
CA LEU A 138 12.02 3.12 7.89
C LEU A 138 12.45 1.67 7.90
N ALA A 139 11.72 0.82 8.64
CA ALA A 139 12.01 -0.61 8.62
C ALA A 139 11.89 -1.18 7.21
N ILE A 140 10.88 -0.73 6.46
CA ILE A 140 10.73 -1.20 5.08
C ILE A 140 11.90 -0.72 4.22
N LEU A 141 12.32 0.53 4.40
CA LEU A 141 13.49 1.04 3.69
C LEU A 141 14.72 0.20 3.99
N LEU A 142 14.99 -0.03 5.28
CA LEU A 142 16.15 -0.82 5.68
C LEU A 142 16.07 -2.24 5.12
N ARG A 143 14.88 -2.84 5.15
CA ARG A 143 14.71 -4.18 4.61
C ARG A 143 15.05 -4.22 3.12
N ALA A 144 14.54 -3.26 2.35
CA ALA A 144 14.82 -3.24 0.91
C ALA A 144 16.29 -2.98 0.63
N PHE A 145 16.92 -2.11 1.41
CA PHE A 145 18.37 -1.89 1.28
C PHE A 145 19.13 -3.19 1.54
N LEU A 146 18.83 -3.87 2.64
CA LEU A 146 19.55 -5.10 2.96
C LEU A 146 19.36 -6.15 1.88
N GLN A 147 18.14 -6.27 1.33
CA GLN A 147 17.88 -7.32 0.36
C GLN A 147 18.62 -7.11 -0.95
N ARG A 148 19.14 -5.90 -1.20
CA ARG A 148 19.95 -5.68 -2.39
C ARG A 148 21.37 -6.19 -2.23
N GLN A 149 21.75 -6.63 -1.03
CA GLN A 149 23.11 -7.06 -0.78
C GLN A 149 23.21 -8.58 -0.82
N PRO A 150 24.28 -9.14 -1.38
CA PRO A 150 24.42 -10.61 -1.35
C PRO A 150 24.63 -11.12 0.07
N GLN A 151 24.05 -12.29 0.34
CA GLN A 151 24.08 -12.91 1.65
C GLN A 151 25.09 -14.04 1.67
N PRO A 152 25.60 -14.42 2.86
CA PRO A 152 25.26 -13.81 4.15
C PRO A 152 25.87 -12.41 4.33
N CYS A 153 25.24 -11.61 5.18
CA CYS A 153 25.57 -10.20 5.34
C CYS A 153 25.82 -9.89 6.81
N CYS A 154 26.87 -9.11 7.09
CA CYS A 154 27.29 -8.85 8.45
C CYS A 154 27.44 -7.35 8.69
N LEU A 155 26.70 -6.83 9.68
CA LEU A 155 26.90 -5.47 10.12
C LEU A 155 28.23 -5.37 10.86
N VAL A 156 28.95 -4.29 10.64
CA VAL A 156 30.18 -3.99 11.35
C VAL A 156 30.01 -2.59 11.98
N ALA A 157 30.09 -2.52 13.31
CA ALA A 157 29.90 -1.25 14.00
C ALA A 157 30.88 -1.14 15.17
N HIS A 158 31.48 0.04 15.29
CA HIS A 158 32.43 0.30 16.36
C HIS A 158 31.68 0.53 17.67
N ASN A 159 31.94 -0.32 18.67
CA ASN A 159 31.17 -0.37 19.90
C ASN A 159 29.75 -0.88 19.65
N GLY A 160 29.53 -1.58 18.53
CA GLY A 160 28.20 -2.07 18.22
C GLY A 160 27.61 -3.00 19.27
N ASP A 161 28.45 -3.81 19.93
CA ASP A 161 27.93 -4.83 20.84
C ASP A 161 27.31 -4.22 22.09
N ARG A 162 27.83 -3.09 22.56
CA ARG A 162 27.28 -2.44 23.74
C ARG A 162 26.36 -1.27 23.41
N TYR A 163 26.47 -0.68 22.22
CA TYR A 163 25.67 0.51 21.93
C TYR A 163 24.82 0.37 20.66
N ASP A 164 25.43 0.40 19.47
CA ASP A 164 24.64 0.49 18.24
C ASP A 164 23.64 -0.66 18.13
N PHE A 165 24.11 -1.90 18.26
CA PHE A 165 23.21 -3.03 18.04
C PHE A 165 22.11 -3.08 19.08
N PRO A 166 22.39 -2.98 20.39
CA PRO A 166 21.30 -2.96 21.37
C PRO A 166 20.33 -1.79 21.17
N LEU A 167 20.84 -0.61 20.78
CA LEU A 167 19.95 0.53 20.57
C LEU A 167 19.06 0.33 19.35
N LEU A 168 19.63 -0.17 18.25
CA LEU A 168 18.81 -0.51 17.09
C LEU A 168 17.78 -1.58 17.45
N GLN A 169 18.17 -2.59 18.23
CA GLN A 169 17.21 -3.60 18.65
C GLN A 169 16.07 -2.97 19.42
N THR A 170 16.37 -2.00 20.28
CA THR A 170 15.34 -1.30 21.03
C THR A 170 14.42 -0.52 20.09
N GLU A 171 14.99 0.22 19.14
CA GLU A 171 14.18 1.01 18.23
C GLU A 171 13.27 0.11 17.40
N LEU A 172 13.81 -1.00 16.88
CA LEU A 172 13.00 -1.89 16.06
C LEU A 172 11.93 -2.59 16.87
N ALA A 173 12.18 -2.80 18.17
CA ALA A 173 11.20 -3.49 19.00
C ALA A 173 9.94 -2.68 19.16
N ARG A 174 10.03 -1.34 19.05
CA ARG A 174 8.84 -0.52 19.19
C ARG A 174 7.91 -0.62 17.98
N LEU A 175 8.36 -1.19 16.88
CA LEU A 175 7.61 -1.13 15.63
C LEU A 175 6.65 -2.30 15.53
N SER A 176 5.60 -2.12 14.73
CA SER A 176 4.68 -3.21 14.43
C SER A 176 5.24 -4.15 13.36
N THR A 177 6.22 -3.71 12.59
CA THR A 177 6.82 -4.51 11.53
C THR A 177 7.82 -5.50 12.11
N PRO A 178 7.94 -6.69 11.51
CA PRO A 178 9.01 -7.62 11.93
C PRO A 178 10.38 -7.01 11.65
N SER A 179 11.37 -7.42 12.44
CA SER A 179 12.69 -6.82 12.32
C SER A 179 13.26 -7.09 10.93
N PRO A 180 13.72 -6.06 10.20
CA PRO A 180 14.40 -6.32 8.94
C PRO A 180 15.80 -6.90 9.09
N LEU A 181 16.29 -7.11 10.31
CA LEU A 181 17.65 -7.59 10.54
C LEU A 181 17.69 -9.02 11.06
N ASP A 182 16.57 -9.73 11.06
CA ASP A 182 16.50 -11.03 11.72
C ASP A 182 17.42 -12.06 11.08
N GLY A 183 17.78 -11.89 9.81
CA GLY A 183 18.69 -12.78 9.14
C GLY A 183 20.10 -12.25 8.92
N THR A 184 20.41 -11.08 9.47
CA THR A 184 21.71 -10.46 9.31
C THR A 184 22.60 -10.74 10.51
N PHE A 185 23.89 -10.80 10.25
CA PHE A 185 24.88 -11.00 11.30
C PHE A 185 25.52 -9.68 11.69
N CYS A 186 26.27 -9.68 12.79
CA CYS A 186 26.82 -8.44 13.29
C CYS A 186 28.09 -8.76 14.11
N VAL A 187 29.01 -7.80 14.07
CA VAL A 187 30.26 -7.86 14.79
C VAL A 187 30.65 -6.47 15.25
N ASP A 188 31.48 -6.41 16.28
CA ASP A 188 31.99 -5.17 16.86
C ASP A 188 33.43 -4.99 16.41
N SER A 189 33.72 -3.84 15.80
CA SER A 189 35.05 -3.59 15.28
C SER A 189 36.06 -3.26 16.35
N ILE A 190 35.64 -2.95 17.58
CA ILE A 190 36.59 -2.74 18.66
C ILE A 190 37.37 -4.02 18.92
N ALA A 191 36.66 -5.13 19.07
CA ALA A 191 37.31 -6.42 19.24
C ALA A 191 38.17 -6.75 18.03
N ALA A 192 37.68 -6.47 16.82
CA ALA A 192 38.42 -6.79 15.62
C ALA A 192 39.77 -6.08 15.59
N LEU A 193 39.76 -4.76 15.82
CA LEU A 193 41.01 -4.02 15.72
C LEU A 193 41.95 -4.34 16.88
N LYS A 194 41.39 -4.63 18.06
CA LYS A 194 42.21 -5.12 19.16
C LYS A 194 42.95 -6.40 18.77
N ALA A 195 42.24 -7.35 18.18
CA ALA A 195 42.91 -8.57 17.71
C ALA A 195 43.96 -8.25 16.65
N LEU A 196 43.60 -7.39 15.69
CA LEU A 196 44.50 -7.12 14.57
C LEU A 196 45.76 -6.39 15.03
N GLU A 197 45.61 -5.38 15.89
CA GLU A 197 46.76 -4.63 16.34
C GLU A 197 47.65 -5.47 17.25
N GLN A 198 47.06 -6.29 18.12
CA GLN A 198 47.88 -7.09 19.02
C GLN A 198 48.65 -8.16 18.27
N ALA A 199 48.11 -8.65 17.15
CA ALA A 199 48.85 -9.60 16.36
C ALA A 199 49.99 -8.94 15.61
N SER A 200 49.88 -7.64 15.32
CA SER A 200 50.92 -6.93 14.58
C SER A 200 51.97 -6.29 15.47
N SER A 201 51.85 -6.41 16.78
CA SER A 201 53.06 -6.12 17.58
C SER A 201 53.01 -6.92 18.87
N PRO A 202 54.00 -7.81 19.06
CA PRO A 202 53.89 -8.81 20.13
C PRO A 202 53.96 -8.18 21.52
N SER A 203 53.40 -8.93 22.48
CA SER A 203 53.43 -8.49 23.87
C SER A 203 54.86 -8.47 24.40
N GLY A 204 55.06 -7.74 25.51
CA GLY A 204 53.98 -7.21 26.34
C GLY A 204 53.09 -6.12 25.81
N SER A 207 51.16 -1.71 26.47
CA SER A 207 50.62 -0.65 27.31
C SER A 207 49.14 -0.42 26.98
N ARG A 208 48.53 0.53 27.68
CA ARG A 208 47.09 0.78 27.54
C ARG A 208 46.85 1.78 26.41
N LYS A 209 46.14 1.33 25.38
CA LYS A 209 45.79 2.18 24.25
C LYS A 209 44.28 2.40 24.24
N SER A 210 43.87 3.57 23.78
CA SER A 210 42.47 3.79 23.48
C SER A 210 42.07 3.05 22.21
N TYR A 211 40.88 2.44 22.24
CA TYR A 211 40.30 1.86 21.04
C TYR A 211 39.06 2.61 20.58
N SER A 212 38.95 3.88 20.95
CA SER A 212 37.99 4.75 20.32
C SER A 212 38.24 4.75 18.81
N LEU A 213 37.20 5.09 18.05
CA LEU A 213 37.35 5.13 16.61
C LEU A 213 38.48 6.08 16.20
N GLY A 214 38.51 7.26 16.79
CA GLY A 214 39.49 8.25 16.40
C GLY A 214 40.92 7.86 16.79
N SER A 215 41.07 7.28 17.99
CA SER A 215 42.41 6.90 18.44
C SER A 215 43.01 5.84 17.53
N ILE A 216 42.20 4.87 17.11
CA ILE A 216 42.72 3.84 16.22
C ILE A 216 43.12 4.46 14.90
N TYR A 217 42.23 5.25 14.29
CA TYR A 217 42.50 5.85 12.99
C TYR A 217 43.82 6.62 13.02
N THR A 218 43.98 7.48 14.03
CA THR A 218 45.17 8.30 14.11
C THR A 218 46.41 7.46 14.38
N ARG A 219 46.27 6.39 15.17
CA ARG A 219 47.39 5.49 15.42
C ARG A 219 47.85 4.80 14.14
N LEU A 220 46.90 4.37 13.30
CA LEU A 220 47.27 3.65 12.10
C LEU A 220 47.83 4.57 11.02
N TYR A 221 47.22 5.75 10.82
CA TYR A 221 47.50 6.56 9.65
C TYR A 221 48.14 7.91 9.94
N TRP A 222 48.31 8.28 11.21
CA TRP A 222 48.88 9.57 11.58
C TRP A 222 48.10 10.72 10.95
N GLN A 223 46.79 10.57 10.90
CA GLN A 223 45.88 11.56 10.35
C GLN A 223 44.72 11.72 11.31
N ALA A 224 44.15 12.92 11.34
CA ALA A 224 42.94 13.13 12.10
C ALA A 224 41.74 12.66 11.29
N PRO A 225 40.74 12.05 11.92
CA PRO A 225 39.51 11.70 11.18
C PRO A 225 38.76 12.97 10.79
N THR A 226 37.97 12.86 9.73
CA THR A 226 37.08 13.93 9.31
C THR A 226 35.64 13.60 9.69
N ASP A 227 34.87 14.66 9.96
CA ASP A 227 33.43 14.55 10.17
C ASP A 227 33.09 13.59 11.31
N SER A 228 33.84 13.71 12.40
CA SER A 228 33.66 12.84 13.55
C SER A 228 32.29 13.07 14.18
N HIS A 229 31.73 11.99 14.71
CA HIS A 229 30.42 12.01 15.37
C HIS A 229 29.30 12.43 14.43
N THR A 230 29.49 12.19 13.13
CA THR A 230 28.40 12.13 12.17
C THR A 230 28.33 10.70 11.65
N ALA A 231 27.11 10.22 11.37
CA ALA A 231 26.95 8.81 11.04
C ALA A 231 27.74 8.45 9.78
N GLU A 232 27.66 9.29 8.75
CA GLU A 232 28.39 8.97 7.52
C GLU A 232 29.90 9.14 7.74
N GLY A 233 30.31 10.21 8.42
CA GLY A 233 31.73 10.42 8.65
C GLY A 233 32.36 9.28 9.41
N ASP A 234 31.70 8.83 10.48
CA ASP A 234 32.27 7.76 11.29
C ASP A 234 32.25 6.42 10.57
N VAL A 235 31.27 6.20 9.70
CA VAL A 235 31.22 4.97 8.91
C VAL A 235 32.42 4.92 7.96
N LEU A 236 32.76 6.06 7.35
CA LEU A 236 33.89 6.10 6.43
C LEU A 236 35.19 5.92 7.17
N THR A 237 35.30 6.51 8.37
CA THR A 237 36.47 6.30 9.21
C THR A 237 36.58 4.84 9.63
N LEU A 238 35.45 4.22 9.93
CA LEU A 238 35.47 2.80 10.27
C LEU A 238 35.91 1.96 9.07
N LEU A 239 35.38 2.26 7.88
CA LEU A 239 35.83 1.55 6.69
C LEU A 239 37.35 1.63 6.58
N SER A 240 37.92 2.82 6.79
CA SER A 240 39.34 3.01 6.62
C SER A 240 40.14 2.14 7.60
N ILE A 241 39.70 2.06 8.87
CA ILE A 241 40.49 1.25 9.81
C ILE A 241 40.31 -0.23 9.49
N CYS A 242 39.15 -0.62 8.95
CA CYS A 242 38.94 -1.99 8.57
C CYS A 242 39.72 -2.39 7.33
N GLN A 243 40.10 -1.42 6.50
CA GLN A 243 40.93 -1.72 5.34
C GLN A 243 42.41 -1.79 5.68
N TRP A 244 42.79 -1.50 6.93
CA TRP A 244 44.20 -1.51 7.33
C TRP A 244 44.84 -2.86 7.05
N LYS A 245 44.23 -3.94 7.54
CA LYS A 245 44.67 -5.31 7.28
C LYS A 245 43.43 -6.05 6.80
N PRO A 246 43.09 -5.91 5.51
CA PRO A 246 41.74 -6.30 5.07
C PRO A 246 41.50 -7.79 5.02
N GLN A 247 42.53 -8.60 4.77
CA GLN A 247 42.34 -10.05 4.77
C GLN A 247 42.13 -10.55 6.19
N ALA A 248 42.93 -10.07 7.14
CA ALA A 248 42.78 -10.49 8.52
C ALA A 248 41.46 -9.97 9.10
N LEU A 249 40.99 -8.81 8.64
CA LEU A 249 39.70 -8.33 9.10
C LEU A 249 38.58 -9.23 8.60
N LEU A 250 38.63 -9.63 7.33
CA LEU A 250 37.61 -10.52 6.80
C LEU A 250 37.58 -11.85 7.54
N GLN A 251 38.77 -12.38 7.86
CA GLN A 251 38.83 -13.65 8.58
C GLN A 251 38.29 -13.50 9.98
N TRP A 252 38.68 -12.44 10.68
CA TRP A 252 38.13 -12.20 12.01
C TRP A 252 36.61 -12.08 11.95
N VAL A 253 36.09 -11.33 10.98
CA VAL A 253 34.65 -11.15 10.86
C VAL A 253 33.96 -12.49 10.59
N ASP A 254 34.49 -13.27 9.64
CA ASP A 254 33.94 -14.59 9.38
C ASP A 254 33.88 -15.44 10.64
N GLU A 255 34.89 -15.31 11.51
CA GLU A 255 34.98 -16.17 12.68
C GLU A 255 34.07 -15.70 13.81
N HIS A 256 33.74 -14.42 13.87
CA HIS A 256 33.03 -13.88 15.02
C HIS A 256 31.63 -13.37 14.69
N ALA A 257 31.21 -13.38 13.43
CA ALA A 257 29.85 -12.98 13.07
C ALA A 257 28.84 -13.76 13.90
N ARG A 258 27.85 -13.06 14.41
CA ARG A 258 26.77 -13.68 15.16
C ARG A 258 25.45 -13.06 14.75
N PRO A 259 24.34 -13.77 14.92
CA PRO A 259 23.05 -13.27 14.45
C PRO A 259 22.64 -12.00 15.20
N PHE A 260 22.20 -10.98 14.45
CA PHE A 260 21.69 -9.77 15.08
C PHE A 260 20.48 -10.08 15.97
N SER A 261 19.68 -11.07 15.58
CA SER A 261 18.50 -11.40 16.38
C SER A 261 18.85 -11.77 17.81
N THR A 262 20.10 -12.15 18.09
CA THR A 262 20.49 -12.52 19.45
C THR A 262 20.88 -11.31 20.31
N VAL A 263 20.98 -10.12 19.72
CA VAL A 263 21.36 -8.94 20.48
C VAL A 263 20.23 -8.55 21.41
N LYS A 264 20.55 -8.28 22.66
CA LYS A 264 19.57 -7.84 23.65
C LYS A 264 19.31 -6.35 23.48
N PRO A 265 18.06 -5.89 23.55
CA PRO A 265 17.80 -4.45 23.49
C PRO A 265 18.54 -3.69 24.59
N MET A 266 18.98 -2.47 24.26
CA MET A 266 19.64 -1.64 25.25
C MET A 266 18.73 -1.42 26.46
N TYR A 267 17.46 -1.12 26.21
CA TYR A 267 16.48 -0.92 27.27
C TYR A 267 15.11 -1.27 26.71
N GLY A 268 14.12 -1.31 27.60
CA GLY A 268 12.77 -1.65 27.22
C GLY A 268 11.86 -0.45 27.03
N THR B 39 0.33 32.71 -8.69
CA THR B 39 0.47 31.69 -7.66
C THR B 39 1.18 30.46 -8.22
N LEU B 40 1.78 29.68 -7.33
CA LEU B 40 2.63 28.58 -7.75
C LEU B 40 1.78 27.39 -8.23
N PRO B 41 2.21 26.69 -9.28
CA PRO B 41 1.35 25.65 -9.85
C PRO B 41 1.13 24.46 -8.94
N HIS B 42 2.08 24.14 -8.07
CA HIS B 42 1.99 22.94 -7.24
C HIS B 42 2.35 23.21 -5.79
N GLY B 43 2.26 24.46 -5.36
CA GLY B 43 2.62 24.82 -4.01
C GLY B 43 4.11 24.91 -3.82
N HIS B 44 4.49 25.23 -2.59
CA HIS B 44 5.89 25.30 -2.23
C HIS B 44 6.46 23.89 -2.07
N MET B 45 7.57 23.62 -2.75
CA MET B 45 8.25 22.35 -2.57
C MET B 45 8.91 22.33 -1.20
N GLN B 46 8.59 21.31 -0.40
CA GLN B 46 9.15 21.16 0.93
C GLN B 46 10.46 20.40 0.93
N THR B 47 10.67 19.52 -0.05
CA THR B 47 11.88 18.73 -0.15
C THR B 47 12.41 18.80 -1.57
N LEU B 48 13.69 19.12 -1.70
CA LEU B 48 14.41 19.01 -2.97
C LEU B 48 15.26 17.75 -2.91
N ILE B 49 15.16 16.91 -3.93
CA ILE B 49 15.94 15.68 -4.01
C ILE B 49 16.88 15.81 -5.20
N PHE B 50 18.13 16.12 -4.88
CA PHE B 50 19.17 16.19 -5.90
C PHE B 50 19.49 14.78 -6.36
N LEU B 51 19.50 14.61 -7.68
CA LEU B 51 19.52 13.32 -8.35
C LEU B 51 20.61 13.28 -9.39
N ASP B 52 21.37 12.19 -9.42
CA ASP B 52 22.23 11.90 -10.54
C ASP B 52 22.25 10.40 -10.81
N LEU B 53 22.41 10.06 -12.07
CA LEU B 53 22.49 8.69 -12.53
C LEU B 53 23.77 8.51 -13.34
N GLU B 54 24.40 7.35 -13.20
CA GLU B 54 25.33 6.86 -14.21
C GLU B 54 24.66 5.68 -14.92
N ALA B 55 25.13 5.39 -16.13
CA ALA B 55 24.48 4.39 -16.95
C ALA B 55 25.49 3.80 -17.93
N THR B 56 25.00 2.90 -18.80
CA THR B 56 25.85 2.20 -19.73
C THR B 56 26.25 3.03 -20.95
N GLY B 57 25.60 4.16 -21.20
CA GLY B 57 25.99 4.98 -22.33
C GLY B 57 25.00 6.09 -22.60
N LEU B 58 25.08 6.66 -23.79
CA LEU B 58 24.28 7.78 -24.21
C LEU B 58 22.93 7.31 -24.74
N PRO B 59 21.96 8.22 -24.86
CA PRO B 59 20.58 7.79 -25.13
C PRO B 59 20.41 6.86 -26.33
N SER B 60 21.10 7.11 -27.45
CA SER B 60 20.90 6.28 -28.63
C SER B 60 21.33 4.84 -28.43
N SER B 61 22.07 4.53 -27.38
CA SER B 61 22.44 3.15 -27.07
C SER B 61 21.38 2.41 -26.26
N ARG B 62 20.25 3.06 -25.97
CA ARG B 62 19.22 2.48 -25.11
C ARG B 62 19.84 2.05 -23.77
N PRO B 63 20.40 3.00 -23.02
CA PRO B 63 21.26 2.64 -21.89
C PRO B 63 20.46 2.16 -20.68
N GLU B 64 21.20 1.58 -19.73
CA GLU B 64 20.63 1.13 -18.48
C GLU B 64 21.42 1.72 -17.32
N VAL B 65 20.71 2.01 -16.23
CA VAL B 65 21.31 2.65 -15.06
C VAL B 65 22.29 1.70 -14.38
N THR B 66 23.47 2.23 -14.05
CA THR B 66 24.48 1.52 -13.28
C THR B 66 24.70 2.10 -11.88
N GLU B 67 24.29 3.33 -11.64
CA GLU B 67 24.47 3.96 -10.34
C GLU B 67 23.42 5.07 -10.19
N LEU B 68 22.95 5.25 -8.95
CA LEU B 68 21.89 6.19 -8.64
C LEU B 68 22.20 6.82 -7.29
N CYS B 69 22.14 8.15 -7.22
CA CYS B 69 22.29 8.84 -5.94
C CYS B 69 21.16 9.83 -5.77
N LEU B 70 20.50 9.77 -4.62
CA LEU B 70 19.51 10.75 -4.21
C LEU B 70 20.02 11.44 -2.95
N LEU B 71 19.87 12.75 -2.89
CA LEU B 71 20.23 13.53 -1.71
C LEU B 71 19.04 14.43 -1.39
N ALA B 72 18.32 14.12 -0.31
CA ALA B 72 17.10 14.83 0.02
C ALA B 72 17.41 15.95 1.02
N VAL B 73 16.97 17.16 0.68
CA VAL B 73 17.27 18.35 1.46
C VAL B 73 15.96 19.11 1.69
N HIS B 74 15.64 19.39 2.95
CA HIS B 74 14.46 20.19 3.27
C HIS B 74 14.68 21.62 2.77
N ARG B 75 13.58 22.26 2.34
CA ARG B 75 13.72 23.63 1.85
C ARG B 75 14.32 24.55 2.91
N ARG B 76 14.06 24.29 4.18
CA ARG B 76 14.61 25.15 5.22
C ARG B 76 16.12 25.01 5.35
N ALA B 77 16.67 23.84 5.00
CA ALA B 77 18.13 23.68 4.97
C ALA B 77 18.76 24.55 3.89
N LEU B 78 18.09 24.69 2.74
CA LEU B 78 18.59 25.57 1.69
C LEU B 78 18.49 27.03 2.10
N GLU B 79 17.33 27.43 2.65
CA GLU B 79 17.13 28.82 3.05
C GLU B 79 18.10 29.25 4.15
N ASN B 80 18.68 28.30 4.89
CA ASN B 80 19.62 28.58 5.94
C ASN B 80 21.07 28.60 5.45
N THR B 81 21.30 28.33 4.17
CA THR B 81 22.65 28.42 3.63
C THR B 81 23.16 29.85 3.72
N SER B 82 24.42 29.99 4.13
CA SER B 82 25.04 31.31 4.18
C SER B 82 25.15 31.88 2.76
N ILE B 83 24.92 33.18 2.65
CA ILE B 83 24.89 33.82 1.34
C ILE B 83 26.30 34.25 0.96
N SER B 84 26.55 34.34 -0.35
CA SER B 84 27.90 34.29 -0.88
C SER B 84 28.81 35.38 -0.29
N GLN B 85 30.06 35.00 -0.06
CA GLN B 85 31.06 35.88 0.55
C GLN B 85 31.93 36.55 -0.52
N GLY B 86 31.31 37.37 -1.34
CA GLY B 86 32.08 38.16 -2.30
C GLY B 86 32.39 37.40 -3.57
N HIS B 87 33.55 37.70 -4.15
CA HIS B 87 33.86 37.23 -5.50
C HIS B 87 35.31 36.79 -5.64
N PRO B 88 35.58 35.49 -5.84
CA PRO B 88 34.60 34.39 -5.84
C PRO B 88 34.13 34.03 -4.43
N PRO B 89 32.89 33.58 -4.29
CA PRO B 89 32.43 33.08 -2.98
C PRO B 89 33.03 31.73 -2.67
N PRO B 90 33.12 31.34 -1.40
CA PRO B 90 33.55 29.98 -1.07
C PRO B 90 32.47 28.97 -1.44
N VAL B 91 32.90 27.73 -1.66
CA VAL B 91 31.92 26.68 -1.92
C VAL B 91 31.05 26.54 -0.68
N PRO B 92 29.72 26.59 -0.79
CA PRO B 92 28.90 26.47 0.41
C PRO B 92 29.09 25.10 1.05
N ARG B 93 28.85 25.05 2.27
CA ARG B 93 28.86 23.74 2.91
C ARG B 93 27.53 23.09 2.81
N PRO B 94 27.54 21.78 2.66
CA PRO B 94 26.29 21.07 2.60
C PRO B 94 25.53 21.25 3.89
N PRO B 95 24.21 21.17 3.84
CA PRO B 95 23.42 21.18 5.09
C PRO B 95 23.76 19.98 5.96
N ARG B 96 23.67 20.18 7.28
CA ARG B 96 23.96 19.08 8.19
C ARG B 96 22.91 17.99 8.05
N VAL B 97 21.64 18.36 7.97
CA VAL B 97 20.54 17.41 7.94
C VAL B 97 20.23 17.07 6.49
N VAL B 98 20.57 15.85 6.10
CA VAL B 98 20.46 15.37 4.73
C VAL B 98 20.11 13.90 4.79
N ASP B 99 19.27 13.45 3.86
CA ASP B 99 19.05 12.02 3.62
C ASP B 99 19.78 11.66 2.33
N LYS B 100 20.61 10.63 2.38
CA LYS B 100 21.41 10.25 1.23
C LYS B 100 21.19 8.78 0.89
N LEU B 101 21.04 8.50 -0.39
CA LEU B 101 20.94 7.13 -0.89
C LEU B 101 21.81 7.03 -2.13
N SER B 102 22.78 6.13 -2.12
CA SER B 102 23.63 5.89 -3.28
C SER B 102 23.72 4.39 -3.53
N LEU B 103 23.30 3.97 -4.72
CA LEU B 103 23.18 2.56 -5.06
C LEU B 103 23.88 2.27 -6.38
N CYS B 104 24.64 1.18 -6.41
CA CYS B 104 25.19 0.62 -7.63
C CYS B 104 24.28 -0.49 -8.12
N ILE B 105 24.10 -0.55 -9.44
CA ILE B 105 23.07 -1.37 -10.07
C ILE B 105 23.70 -2.13 -11.23
N ALA B 106 23.55 -3.44 -11.24
CA ALA B 106 24.06 -4.24 -12.36
C ALA B 106 23.17 -4.05 -13.60
N PRO B 107 23.72 -3.62 -14.73
CA PRO B 107 22.90 -3.53 -15.94
C PRO B 107 22.79 -4.88 -16.64
N GLY B 108 21.76 -4.99 -17.46
CA GLY B 108 21.57 -6.17 -18.29
C GLY B 108 22.35 -6.17 -19.58
N LYS B 109 23.12 -5.11 -19.84
CA LYS B 109 23.95 -5.02 -21.02
C LYS B 109 25.29 -4.43 -20.60
N ALA B 110 26.30 -4.62 -21.45
CA ALA B 110 27.61 -4.08 -21.16
C ALA B 110 27.59 -2.56 -21.23
N CYS B 111 28.50 -1.95 -20.48
CA CYS B 111 28.73 -0.53 -20.61
C CYS B 111 29.48 -0.21 -21.90
N SER B 112 29.08 0.88 -22.54
CA SER B 112 29.87 1.44 -23.63
C SER B 112 31.28 1.74 -23.12
N PRO B 113 32.30 1.62 -23.98
CA PRO B 113 33.66 1.97 -23.54
C PRO B 113 33.75 3.40 -23.02
N GLY B 114 33.08 4.34 -23.67
CA GLY B 114 33.12 5.73 -23.21
C GLY B 114 32.50 5.89 -21.83
N ALA B 115 31.43 5.14 -21.54
CA ALA B 115 30.81 5.22 -20.22
C ALA B 115 31.70 4.64 -19.13
N SER B 116 32.20 3.41 -19.34
CA SER B 116 33.09 2.81 -18.37
C SER B 116 34.31 3.67 -18.13
N GLU B 117 34.82 4.28 -19.21
CA GLU B 117 36.03 5.09 -19.12
C GLU B 117 35.87 6.22 -18.11
N ILE B 118 34.69 6.84 -18.05
CA ILE B 118 34.57 8.04 -17.22
C ILE B 118 33.95 7.73 -15.87
N THR B 119 33.10 6.69 -15.79
CA THR B 119 32.41 6.40 -14.55
C THR B 119 33.16 5.44 -13.64
N GLY B 120 34.12 4.69 -14.18
CA GLY B 120 34.77 3.66 -13.40
C GLY B 120 33.91 2.45 -13.13
N LEU B 121 32.74 2.36 -13.75
CA LEU B 121 31.86 1.22 -13.60
C LEU B 121 31.83 0.39 -14.86
N SER B 122 31.64 -0.92 -14.68
CA SER B 122 31.44 -1.82 -15.80
C SER B 122 30.52 -2.93 -15.33
N LYS B 123 29.95 -3.65 -16.29
CA LYS B 123 29.17 -4.83 -15.95
C LYS B 123 29.98 -5.78 -15.07
N ALA B 124 31.25 -5.98 -15.41
CA ALA B 124 32.08 -6.91 -14.65
C ALA B 124 32.29 -6.42 -13.21
N GLU B 125 32.57 -5.13 -13.03
CA GLU B 125 32.76 -4.62 -11.68
C GLU B 125 31.52 -4.83 -10.84
N LEU B 126 30.35 -4.57 -11.44
CA LEU B 126 29.10 -4.60 -10.69
C LEU B 126 28.67 -6.04 -10.39
N GLU B 127 28.82 -6.93 -11.38
CA GLU B 127 28.40 -8.32 -11.18
C GLU B 127 29.34 -9.05 -10.22
N VAL B 128 30.65 -8.82 -10.33
CA VAL B 128 31.58 -9.50 -9.44
C VAL B 128 31.32 -9.09 -7.99
N GLN B 129 30.82 -7.88 -7.77
CA GLN B 129 30.46 -7.44 -6.43
C GLN B 129 28.96 -7.61 -6.14
N GLY B 130 28.31 -8.50 -6.89
CA GLY B 130 26.99 -8.97 -6.53
C GLY B 130 25.88 -7.96 -6.57
N ARG B 131 26.02 -6.91 -7.37
CA ARG B 131 24.95 -5.93 -7.50
C ARG B 131 23.77 -6.56 -8.22
N GLN B 132 22.57 -6.21 -7.78
CA GLN B 132 21.33 -6.69 -8.37
C GLN B 132 20.87 -5.73 -9.46
N ARG B 133 19.98 -6.22 -10.31
CA ARG B 133 19.44 -5.42 -11.39
C ARG B 133 18.49 -4.36 -10.84
N PHE B 134 18.14 -3.41 -11.70
CA PHE B 134 17.04 -2.48 -11.48
C PHE B 134 15.76 -3.30 -11.43
N ASP B 135 15.21 -3.52 -10.23
CA ASP B 135 14.13 -4.48 -10.07
C ASP B 135 13.07 -3.94 -9.11
N ASP B 136 12.05 -4.77 -8.88
CA ASP B 136 10.92 -4.37 -8.05
C ASP B 136 11.38 -3.95 -6.66
N ASN B 137 12.32 -4.69 -6.07
CA ASN B 137 12.78 -4.34 -4.73
C ASN B 137 13.39 -2.94 -4.72
N LEU B 138 14.15 -2.60 -5.76
CA LEU B 138 14.69 -1.25 -5.85
C LEU B 138 13.58 -0.21 -5.84
N ALA B 139 12.51 -0.45 -6.61
CA ALA B 139 11.37 0.46 -6.61
C ALA B 139 10.80 0.62 -5.19
N ILE B 140 10.72 -0.46 -4.43
CA ILE B 140 10.22 -0.37 -3.06
C ILE B 140 11.15 0.48 -2.21
N LEU B 141 12.46 0.24 -2.33
CA LEU B 141 13.44 1.04 -1.61
C LEU B 141 13.27 2.52 -1.93
N LEU B 142 13.17 2.85 -3.22
CA LEU B 142 12.98 4.25 -3.59
C LEU B 142 11.71 4.83 -2.99
N ARG B 143 10.61 4.07 -3.04
CA ARG B 143 9.35 4.53 -2.46
C ARG B 143 9.51 4.87 -0.98
N ALA B 144 10.10 3.96 -0.20
CA ALA B 144 10.24 4.20 1.23
C ALA B 144 11.16 5.38 1.50
N PHE B 145 12.20 5.57 0.68
CA PHE B 145 13.06 6.74 0.83
C PHE B 145 12.31 8.03 0.56
N LEU B 146 11.56 8.08 -0.53
CA LEU B 146 10.75 9.24 -0.85
C LEU B 146 9.73 9.52 0.24
N GLN B 147 9.09 8.48 0.77
CA GLN B 147 8.03 8.67 1.75
C GLN B 147 8.57 9.17 3.09
N ARG B 148 9.88 9.16 3.30
CA ARG B 148 10.43 9.80 4.48
C ARG B 148 10.62 11.30 4.31
N GLN B 149 10.42 11.84 3.11
CA GLN B 149 10.59 13.27 2.90
C GLN B 149 9.26 14.00 3.00
N PRO B 150 9.27 15.19 3.61
CA PRO B 150 8.06 16.04 3.56
C PRO B 150 7.65 16.30 2.12
N GLN B 151 6.31 16.22 1.86
CA GLN B 151 5.75 16.43 0.53
C GLN B 151 5.19 17.83 0.40
N PRO B 152 5.13 18.40 -0.81
CA PRO B 152 5.62 17.76 -2.05
C PRO B 152 7.14 17.78 -2.21
N CYS B 153 7.68 16.83 -2.95
CA CYS B 153 9.09 16.74 -3.24
C CYS B 153 9.35 17.03 -4.72
N CYS B 154 10.50 17.61 -5.01
CA CYS B 154 10.90 17.89 -6.38
C CYS B 154 12.29 17.35 -6.65
N LEU B 155 12.41 16.46 -7.62
CA LEU B 155 13.71 16.00 -8.07
C LEU B 155 14.43 17.12 -8.83
N VAL B 156 15.71 17.28 -8.55
CA VAL B 156 16.57 18.23 -9.25
C VAL B 156 17.74 17.44 -9.85
N ALA B 157 17.87 17.48 -11.18
CA ALA B 157 18.97 16.78 -11.84
C ALA B 157 19.53 17.62 -12.98
N HIS B 158 20.84 17.57 -13.15
CA HIS B 158 21.50 18.31 -14.21
C HIS B 158 21.37 17.56 -15.53
N ASN B 159 20.74 18.21 -16.51
CA ASN B 159 20.35 17.58 -17.77
C ASN B 159 19.25 16.53 -17.54
N GLY B 160 18.48 16.70 -16.48
CA GLY B 160 17.44 15.73 -16.15
C GLY B 160 16.37 15.63 -17.22
N ASP B 161 16.03 16.74 -17.87
CA ASP B 161 14.92 16.72 -18.82
C ASP B 161 15.24 15.92 -20.06
N ARG B 162 16.51 15.90 -20.47
CA ARG B 162 16.92 15.13 -21.64
C ARG B 162 17.48 13.76 -21.30
N TYR B 163 17.88 13.51 -20.06
CA TYR B 163 18.55 12.26 -19.77
C TYR B 163 18.05 11.59 -18.50
N ASP B 164 18.34 12.16 -17.32
CA ASP B 164 18.09 11.42 -16.09
C ASP B 164 16.61 11.06 -15.93
N PHE B 165 15.72 12.01 -16.16
CA PHE B 165 14.30 11.72 -15.92
C PHE B 165 13.75 10.75 -16.97
N PRO B 166 13.96 10.95 -18.28
CA PRO B 166 13.45 9.95 -19.23
C PRO B 166 13.98 8.54 -18.98
N LEU B 167 15.26 8.42 -18.63
CA LEU B 167 15.86 7.11 -18.40
C LEU B 167 15.26 6.43 -17.17
N LEU B 168 15.16 7.17 -16.07
CA LEU B 168 14.52 6.63 -14.87
C LEU B 168 13.08 6.21 -15.16
N GLN B 169 12.37 7.00 -15.97
CA GLN B 169 11.01 6.63 -16.36
C GLN B 169 11.02 5.30 -17.11
N THR B 170 11.96 5.13 -18.04
CA THR B 170 12.07 3.87 -18.76
C THR B 170 12.36 2.70 -17.81
N GLU B 171 13.33 2.86 -16.91
CA GLU B 171 13.67 1.76 -16.01
C GLU B 171 12.47 1.39 -15.13
N LEU B 172 11.73 2.39 -14.63
CA LEU B 172 10.61 2.10 -13.75
C LEU B 172 9.41 1.54 -14.52
N ALA B 173 9.27 1.90 -15.79
CA ALA B 173 8.09 1.48 -16.55
C ALA B 173 8.13 -0.02 -16.86
N ARG B 174 9.31 -0.62 -16.90
CA ARG B 174 9.40 -2.04 -17.20
C ARG B 174 9.29 -2.91 -15.94
N LEU B 175 9.04 -2.30 -14.79
CA LEU B 175 8.82 -3.06 -13.56
C LEU B 175 7.33 -3.36 -13.38
N SER B 176 7.05 -4.33 -12.51
CA SER B 176 5.67 -4.58 -12.13
C SER B 176 5.20 -3.60 -11.06
N THR B 177 6.06 -3.28 -10.10
CA THR B 177 5.73 -2.28 -9.10
C THR B 177 5.40 -0.97 -9.81
N PRO B 178 4.35 -0.27 -9.40
CA PRO B 178 4.07 1.05 -9.97
C PRO B 178 5.21 2.01 -9.64
N SER B 179 5.39 3.00 -10.50
CA SER B 179 6.46 3.97 -10.26
C SER B 179 6.23 4.66 -8.92
N PRO B 180 7.21 4.65 -8.01
CA PRO B 180 7.07 5.43 -6.78
C PRO B 180 7.18 6.94 -6.99
N LEU B 181 7.35 7.41 -8.22
CA LEU B 181 7.58 8.83 -8.46
C LEU B 181 6.37 9.55 -9.04
N ASP B 182 5.22 8.89 -9.14
CA ASP B 182 4.06 9.50 -9.79
C ASP B 182 3.44 10.62 -8.95
N GLY B 183 3.88 10.82 -7.72
CA GLY B 183 3.42 11.97 -6.95
C GLY B 183 4.52 13.00 -6.76
N THR B 184 5.66 12.75 -7.38
CA THR B 184 6.84 13.59 -7.23
C THR B 184 6.99 14.50 -8.43
N PHE B 185 7.58 15.67 -8.20
CA PHE B 185 7.84 16.66 -9.23
C PHE B 185 9.33 16.65 -9.59
N CYS B 186 9.67 17.39 -10.65
CA CYS B 186 11.04 17.37 -11.13
C CYS B 186 11.33 18.66 -11.89
N VAL B 187 12.62 19.03 -11.90
CA VAL B 187 13.11 20.17 -12.68
C VAL B 187 14.53 19.85 -13.12
N ASP B 188 14.97 20.54 -14.17
CA ASP B 188 16.33 20.43 -14.70
C ASP B 188 17.14 21.62 -14.20
N SER B 189 18.26 21.33 -13.54
CA SER B 189 19.10 22.40 -12.99
C SER B 189 19.81 23.21 -14.06
N ILE B 190 19.90 22.71 -15.30
CA ILE B 190 20.48 23.53 -16.35
C ILE B 190 19.65 24.79 -16.56
N ALA B 191 18.34 24.62 -16.75
CA ALA B 191 17.45 25.76 -16.90
C ALA B 191 17.43 26.63 -15.65
N ALA B 192 17.56 26.03 -14.47
CA ALA B 192 17.57 26.81 -13.24
C ALA B 192 18.79 27.74 -13.19
N LEU B 193 19.97 27.20 -13.47
CA LEU B 193 21.17 28.02 -13.34
C LEU B 193 21.29 29.02 -14.47
N LYS B 194 20.72 28.71 -15.64
CA LYS B 194 20.65 29.71 -16.72
C LYS B 194 19.88 30.95 -16.26
N ALA B 195 18.70 30.76 -15.67
CA ALA B 195 17.93 31.90 -15.19
C ALA B 195 18.67 32.65 -14.09
N LEU B 196 19.18 31.93 -13.09
CA LEU B 196 19.85 32.59 -11.98
C LEU B 196 21.10 33.34 -12.41
N GLU B 197 21.75 32.89 -13.48
CA GLU B 197 22.93 33.59 -13.97
C GLU B 197 22.54 34.75 -14.89
N GLN B 198 21.68 34.49 -15.87
CA GLN B 198 21.35 35.49 -16.88
C GLN B 198 20.51 36.63 -16.28
N ALA B 199 19.41 36.28 -15.62
CA ALA B 199 18.48 37.27 -15.08
C ALA B 199 19.02 37.99 -13.86
N SER B 200 20.26 37.72 -13.45
CA SER B 200 20.87 38.41 -12.33
C SER B 200 22.23 39.02 -12.66
N SER B 201 22.72 38.87 -13.89
CA SER B 201 23.98 39.47 -14.30
C SER B 201 24.22 39.27 -15.79
N ASN B 205 25.49 41.57 -22.83
CA ASN B 205 26.33 40.38 -22.94
C ASN B 205 25.52 39.16 -23.36
N GLY B 206 25.31 39.01 -24.67
CA GLY B 206 24.66 37.85 -25.23
C GLY B 206 25.56 36.64 -25.36
N SER B 207 26.80 36.76 -24.87
CA SER B 207 27.77 35.66 -24.91
C SER B 207 27.16 34.38 -24.36
N ARG B 208 27.35 33.28 -25.09
CA ARG B 208 26.99 31.97 -24.58
C ARG B 208 27.94 31.59 -23.44
N LYS B 209 27.40 30.89 -22.46
CA LYS B 209 28.20 30.26 -21.42
C LYS B 209 27.94 28.76 -21.47
N SER B 210 28.95 27.99 -21.09
CA SER B 210 28.77 26.55 -20.97
C SER B 210 27.95 26.24 -19.73
N TYR B 211 27.02 25.30 -19.86
CA TYR B 211 26.21 24.89 -18.72
C TYR B 211 26.38 23.41 -18.39
N SER B 212 27.54 22.85 -18.76
CA SER B 212 27.96 21.58 -18.18
C SER B 212 28.12 21.74 -16.69
N LEU B 213 27.92 20.64 -15.96
CA LEU B 213 27.96 20.69 -14.50
C LEU B 213 29.27 21.26 -14.01
N GLY B 214 30.39 20.83 -14.60
CA GLY B 214 31.68 21.30 -14.15
C GLY B 214 31.94 22.76 -14.50
N SER B 215 31.49 23.18 -15.68
CA SER B 215 31.69 24.57 -16.09
C SER B 215 30.98 25.53 -15.13
N ILE B 216 29.74 25.21 -14.77
CA ILE B 216 29.00 26.06 -13.84
C ILE B 216 29.73 26.15 -12.51
N TYR B 217 30.07 25.01 -11.93
CA TYR B 217 30.75 24.97 -10.64
C TYR B 217 32.01 25.84 -10.65
N THR B 218 32.83 25.69 -11.69
CA THR B 218 34.09 26.43 -11.76
C THR B 218 33.86 27.90 -12.05
N ARG B 219 32.80 28.24 -12.81
CA ARG B 219 32.47 29.63 -13.04
C ARG B 219 32.02 30.30 -11.75
N LEU B 220 31.26 29.59 -10.93
CA LEU B 220 30.74 30.20 -9.71
C LEU B 220 31.80 30.26 -8.61
N TYR B 221 32.61 29.22 -8.47
CA TYR B 221 33.49 29.10 -7.30
C TYR B 221 34.98 29.10 -7.63
N TRP B 222 35.35 29.20 -8.89
CA TRP B 222 36.76 29.24 -9.29
C TRP B 222 37.53 28.07 -8.70
N GLN B 223 36.97 26.87 -8.86
CA GLN B 223 37.50 25.67 -8.22
C GLN B 223 37.02 24.46 -9.00
N ALA B 224 37.86 23.42 -9.06
CA ALA B 224 37.55 22.22 -9.82
C ALA B 224 36.61 21.31 -9.03
N PRO B 225 35.59 20.75 -9.67
CA PRO B 225 34.75 19.76 -8.97
C PRO B 225 35.56 18.52 -8.64
N THR B 226 35.10 17.79 -7.64
CA THR B 226 35.72 16.54 -7.24
C THR B 226 34.82 15.37 -7.61
N ASP B 227 35.43 14.20 -7.81
CA ASP B 227 34.71 12.94 -8.01
C ASP B 227 33.69 13.06 -9.14
N SER B 228 34.13 13.60 -10.28
CA SER B 228 33.25 13.77 -11.42
C SER B 228 32.85 12.42 -12.01
N HIS B 229 31.65 12.37 -12.55
CA HIS B 229 31.09 11.18 -13.20
C HIS B 229 30.97 9.99 -12.26
N THR B 230 30.88 10.24 -10.95
CA THR B 230 30.29 9.30 -10.01
C THR B 230 28.96 9.89 -9.56
N ALA B 231 27.98 9.01 -9.34
CA ALA B 231 26.64 9.49 -8.99
C ALA B 231 26.69 10.42 -7.80
N GLU B 232 27.33 9.99 -6.72
CA GLU B 232 27.35 10.79 -5.50
C GLU B 232 28.18 12.04 -5.66
N GLY B 233 29.35 11.94 -6.29
CA GLY B 233 30.18 13.11 -6.47
C GLY B 233 29.47 14.20 -7.27
N ASP B 234 28.78 13.79 -8.34
CA ASP B 234 28.08 14.75 -9.17
C ASP B 234 26.88 15.35 -8.46
N VAL B 235 26.22 14.59 -7.58
CA VAL B 235 25.12 15.13 -6.80
C VAL B 235 25.62 16.21 -5.84
N LEU B 236 26.79 15.99 -5.22
CA LEU B 236 27.32 17.00 -4.30
C LEU B 236 27.76 18.26 -5.05
N THR B 237 28.29 18.08 -6.26
CA THR B 237 28.61 19.25 -7.09
C THR B 237 27.35 20.02 -7.45
N LEU B 238 26.28 19.30 -7.79
CA LEU B 238 25.02 19.95 -8.10
C LEU B 238 24.46 20.68 -6.88
N LEU B 239 24.55 20.05 -5.71
CA LEU B 239 24.07 20.72 -4.51
C LEU B 239 24.82 22.04 -4.29
N SER B 240 26.14 22.01 -4.48
CA SER B 240 26.93 23.22 -4.27
C SER B 240 26.48 24.35 -5.20
N ILE B 241 26.22 24.04 -6.48
CA ILE B 241 25.82 25.12 -7.37
C ILE B 241 24.39 25.58 -7.06
N CYS B 242 23.54 24.68 -6.56
CA CYS B 242 22.20 25.09 -6.16
C CYS B 242 22.20 25.87 -4.85
N GLN B 243 23.26 25.76 -4.05
CA GLN B 243 23.41 26.58 -2.87
C GLN B 243 23.99 27.97 -3.17
N TRP B 244 24.31 28.25 -4.43
CA TRP B 244 24.88 29.55 -4.78
C TRP B 244 23.93 30.68 -4.42
N LYS B 245 22.70 30.61 -4.91
CA LYS B 245 21.64 31.56 -4.59
C LYS B 245 20.46 30.74 -4.09
N PRO B 246 20.50 30.27 -2.85
CA PRO B 246 19.56 29.22 -2.44
C PRO B 246 18.09 29.65 -2.48
N GLN B 247 17.77 30.87 -2.08
CA GLN B 247 16.37 31.28 -2.08
C GLN B 247 15.88 31.55 -3.50
N ALA B 248 16.73 32.13 -4.35
CA ALA B 248 16.39 32.26 -5.77
C ALA B 248 16.16 30.89 -6.40
N LEU B 249 17.01 29.91 -6.06
CA LEU B 249 16.84 28.59 -6.66
C LEU B 249 15.53 27.95 -6.21
N LEU B 250 15.23 28.02 -4.90
CA LEU B 250 13.97 27.45 -4.42
C LEU B 250 12.78 28.07 -5.13
N GLN B 251 12.78 29.40 -5.26
CA GLN B 251 11.67 30.07 -5.92
C GLN B 251 11.53 29.58 -7.36
N TRP B 252 12.65 29.53 -8.10
CA TRP B 252 12.61 29.04 -9.47
C TRP B 252 12.07 27.61 -9.53
N VAL B 253 12.50 26.77 -8.60
CA VAL B 253 12.01 25.38 -8.57
C VAL B 253 10.50 25.38 -8.33
N ASP B 254 10.04 26.12 -7.31
CA ASP B 254 8.60 26.19 -7.07
C ASP B 254 7.85 26.60 -8.32
N GLU B 255 8.42 27.52 -9.10
CA GLU B 255 7.75 28.06 -10.27
C GLU B 255 7.80 27.14 -11.48
N HIS B 256 8.77 26.22 -11.54
CA HIS B 256 8.97 25.42 -12.74
C HIS B 256 8.82 23.92 -12.50
N ALA B 257 8.60 23.51 -11.26
CA ALA B 257 8.37 22.11 -10.97
C ALA B 257 7.19 21.59 -11.78
N ARG B 258 7.39 20.44 -12.40
CA ARG B 258 6.35 19.76 -13.14
C ARG B 258 6.29 18.31 -12.70
N PRO B 259 5.13 17.66 -12.86
CA PRO B 259 5.01 16.27 -12.39
C PRO B 259 5.96 15.34 -13.13
N PHE B 260 6.60 14.44 -12.37
CA PHE B 260 7.47 13.45 -12.98
C PHE B 260 6.69 12.50 -13.88
N SER B 261 5.43 12.26 -13.55
CA SER B 261 4.59 11.39 -14.38
C SER B 261 4.45 11.92 -15.80
N THR B 262 4.71 13.20 -16.04
CA THR B 262 4.60 13.75 -17.38
C THR B 262 5.89 13.56 -18.19
N VAL B 263 6.93 12.98 -17.60
CA VAL B 263 8.19 12.79 -18.33
C VAL B 263 8.02 11.64 -19.31
N LYS B 264 8.37 11.88 -20.57
CA LYS B 264 8.30 10.84 -21.59
C LYS B 264 9.46 9.86 -21.40
N PRO B 265 9.22 8.55 -21.41
CA PRO B 265 10.33 7.60 -21.28
C PRO B 265 11.37 7.84 -22.36
N MET B 266 12.63 7.56 -22.03
CA MET B 266 13.70 7.73 -23.01
C MET B 266 13.53 6.77 -24.20
N TYR B 267 13.15 5.53 -23.92
CA TYR B 267 12.89 4.56 -24.96
C TYR B 267 11.88 3.56 -24.42
N GLY B 268 11.26 2.83 -25.34
CA GLY B 268 10.24 1.85 -24.96
C GLY B 268 10.78 0.44 -24.93
N THR C 39 -15.59 6.39 29.68
CA THR C 39 -14.56 5.39 29.87
C THR C 39 -14.00 4.94 28.53
N LEU C 40 -14.89 4.85 27.51
CA LEU C 40 -14.50 4.53 26.14
C LEU C 40 -14.40 5.80 25.31
N PRO C 41 -13.48 5.87 24.34
CA PRO C 41 -13.31 7.13 23.61
C PRO C 41 -14.56 7.55 22.85
N HIS C 42 -15.37 6.60 22.38
CA HIS C 42 -16.56 6.92 21.60
C HIS C 42 -17.70 5.95 21.90
N GLY C 43 -17.70 5.33 23.08
CA GLY C 43 -18.75 4.42 23.47
C GLY C 43 -18.63 3.06 22.80
N HIS C 44 -19.58 2.19 23.15
CA HIS C 44 -19.61 0.85 22.57
C HIS C 44 -20.13 0.91 21.14
N MET C 45 -19.38 0.33 20.20
CA MET C 45 -19.84 0.29 18.82
C MET C 45 -21.07 -0.59 18.72
N GLN C 46 -22.14 -0.07 18.13
CA GLN C 46 -23.35 -0.86 17.92
C GLN C 46 -23.37 -1.57 16.59
N THR C 47 -22.67 -1.03 15.59
CA THR C 47 -22.56 -1.67 14.28
C THR C 47 -21.09 -1.75 13.91
N LEU C 48 -20.67 -2.90 13.41
CA LEU C 48 -19.40 -3.05 12.71
C LEU C 48 -19.71 -3.24 11.23
N ILE C 49 -19.06 -2.45 10.39
CA ILE C 49 -19.24 -2.54 8.94
C ILE C 49 -17.91 -3.03 8.38
N PHE C 50 -17.86 -4.31 8.03
CA PHE C 50 -16.69 -4.86 7.36
C PHE C 50 -16.66 -4.37 5.92
N LEU C 51 -15.49 -3.90 5.50
CA LEU C 51 -15.34 -3.16 4.26
C LEU C 51 -14.11 -3.65 3.51
N ASP C 52 -14.22 -3.72 2.19
CA ASP C 52 -13.06 -3.99 1.36
C ASP C 52 -13.25 -3.29 0.02
N LEU C 53 -12.15 -2.76 -0.50
CA LEU C 53 -12.12 -2.13 -1.81
C LEU C 53 -11.20 -2.89 -2.75
N GLU C 54 -11.60 -3.01 -4.02
CA GLU C 54 -10.68 -3.33 -5.10
C GLU C 54 -10.45 -2.05 -5.90
N ALA C 55 -9.29 -1.95 -6.54
CA ALA C 55 -8.93 -0.71 -7.21
C ALA C 55 -7.98 -1.00 -8.37
N THR C 56 -7.54 0.08 -9.01
CA THR C 56 -6.73 -0.02 -10.22
C THR C 56 -5.28 -0.37 -9.93
N GLY C 57 -4.83 -0.32 -8.68
CA GLY C 57 -3.47 -0.70 -8.37
C GLY C 57 -3.07 -0.27 -6.97
N LEU C 58 -1.78 -0.36 -6.71
CA LEU C 58 -1.20 -0.06 -5.41
C LEU C 58 -1.13 1.44 -5.18
N PRO C 59 -0.87 1.87 -3.94
CA PRO C 59 -1.05 3.29 -3.61
C PRO C 59 -0.19 4.23 -4.44
N SER C 60 1.08 3.88 -4.70
CA SER C 60 1.93 4.75 -5.50
C SER C 60 1.34 5.00 -6.89
N SER C 61 0.42 4.14 -7.34
CA SER C 61 -0.22 4.30 -8.63
C SER C 61 -1.29 5.39 -8.65
N ARG C 62 -1.62 5.98 -7.49
CA ARG C 62 -2.74 6.91 -7.38
C ARG C 62 -4.00 6.21 -7.85
N PRO C 63 -4.41 5.14 -7.17
CA PRO C 63 -5.44 4.25 -7.71
C PRO C 63 -6.85 4.82 -7.56
N GLU C 64 -7.78 4.16 -8.25
CA GLU C 64 -9.20 4.48 -8.16
C GLU C 64 -10.00 3.21 -7.90
N VAL C 65 -11.12 3.36 -7.20
CA VAL C 65 -11.90 2.21 -6.75
C VAL C 65 -12.61 1.57 -7.93
N THR C 66 -12.53 0.25 -8.01
CA THR C 66 -13.26 -0.54 -8.99
C THR C 66 -14.34 -1.43 -8.39
N GLU C 67 -14.29 -1.67 -7.07
CA GLU C 67 -15.27 -2.50 -6.41
C GLU C 67 -15.30 -2.15 -4.93
N LEU C 68 -16.50 -2.24 -4.35
CA LEU C 68 -16.78 -1.81 -3.00
C LEU C 68 -17.74 -2.82 -2.39
N CYS C 69 -17.42 -3.31 -1.19
CA CYS C 69 -18.34 -4.16 -0.45
C CYS C 69 -18.42 -3.70 1.00
N LEU C 70 -19.63 -3.52 1.48
CA LEU C 70 -19.91 -3.23 2.88
C LEU C 70 -20.76 -4.36 3.43
N LEU C 71 -20.39 -4.87 4.61
CA LEU C 71 -21.18 -5.88 5.31
C LEU C 71 -21.40 -5.39 6.72
N ALA C 72 -22.63 -4.97 7.03
CA ALA C 72 -22.95 -4.39 8.31
C ALA C 72 -23.48 -5.46 9.25
N VAL C 73 -22.86 -5.57 10.43
CA VAL C 73 -23.20 -6.57 11.44
C VAL C 73 -23.46 -5.84 12.74
N HIS C 74 -24.60 -6.14 13.37
CA HIS C 74 -24.88 -5.57 14.69
C HIS C 74 -24.00 -6.22 15.74
N ARG C 75 -23.68 -5.44 16.78
CA ARG C 75 -22.81 -5.93 17.85
C ARG C 75 -23.32 -7.26 18.41
N ARG C 76 -24.62 -7.37 18.63
CA ARG C 76 -25.17 -8.58 19.21
C ARG C 76 -24.95 -9.79 18.31
N ALA C 77 -24.99 -9.59 16.99
CA ALA C 77 -24.75 -10.70 16.07
C ALA C 77 -23.34 -11.26 16.27
N LEU C 78 -22.36 -10.39 16.52
CA LEU C 78 -21.01 -10.89 16.78
C LEU C 78 -20.92 -11.53 18.16
N GLU C 79 -21.57 -10.93 19.16
CA GLU C 79 -21.49 -11.45 20.51
C GLU C 79 -22.14 -12.83 20.64
N ASN C 80 -23.07 -13.16 19.75
CA ASN C 80 -23.73 -14.45 19.79
C ASN C 80 -23.09 -15.48 18.86
N THR C 81 -21.95 -15.15 18.25
CA THR C 81 -21.18 -16.15 17.51
C THR C 81 -20.69 -17.24 18.47
N SER C 82 -20.82 -18.49 18.05
CA SER C 82 -20.40 -19.60 18.90
C SER C 82 -18.89 -19.53 19.16
N ILE C 83 -18.50 -19.91 20.37
CA ILE C 83 -17.10 -19.93 20.76
C ILE C 83 -16.30 -20.79 19.79
N SER C 84 -15.11 -20.29 19.42
CA SER C 84 -14.21 -21.06 18.55
C SER C 84 -13.50 -22.14 19.36
N GLN C 85 -13.75 -23.39 18.97
CA GLN C 85 -13.24 -24.57 19.64
C GLN C 85 -12.74 -25.54 18.57
N GLY C 86 -11.59 -26.15 18.80
CA GLY C 86 -11.16 -27.27 17.98
C GLY C 86 -9.74 -27.11 17.49
N HIS C 87 -9.32 -28.10 16.68
CA HIS C 87 -7.95 -28.17 16.17
C HIS C 87 -7.98 -28.68 14.73
N PRO C 88 -8.35 -27.82 13.76
CA PRO C 88 -8.64 -26.40 13.93
C PRO C 88 -10.12 -26.10 14.20
N PRO C 89 -10.43 -24.94 14.75
CA PRO C 89 -11.83 -24.55 14.88
C PRO C 89 -12.48 -24.44 13.51
N PRO C 90 -13.78 -24.68 13.42
CA PRO C 90 -14.46 -24.48 12.14
C PRO C 90 -14.55 -23.00 11.80
N VAL C 91 -14.65 -22.73 10.50
CA VAL C 91 -14.90 -21.35 10.04
C VAL C 91 -16.21 -20.90 10.67
N PRO C 92 -16.26 -19.81 11.42
CA PRO C 92 -17.52 -19.46 12.11
C PRO C 92 -18.68 -19.25 11.15
N ARG C 93 -19.88 -19.56 11.63
CA ARG C 93 -21.11 -19.29 10.90
C ARG C 93 -21.33 -17.78 10.81
N PRO C 94 -21.46 -17.20 9.62
CA PRO C 94 -21.81 -15.78 9.55
C PRO C 94 -23.17 -15.54 10.18
N PRO C 95 -23.37 -14.40 10.83
CA PRO C 95 -24.66 -14.14 11.47
C PRO C 95 -25.78 -14.23 10.45
N ARG C 96 -26.97 -14.61 10.90
CA ARG C 96 -28.12 -14.64 10.01
C ARG C 96 -28.54 -13.24 9.57
N VAL C 97 -28.49 -12.28 10.50
CA VAL C 97 -28.98 -10.93 10.24
C VAL C 97 -27.80 -10.08 9.81
N VAL C 98 -27.83 -9.63 8.56
CA VAL C 98 -26.69 -8.94 7.97
C VAL C 98 -27.22 -8.02 6.87
N ASP C 99 -26.62 -6.84 6.76
CA ASP C 99 -26.84 -5.95 5.62
C ASP C 99 -25.61 -5.96 4.73
N LYS C 100 -25.81 -6.15 3.43
CA LYS C 100 -24.69 -6.27 2.50
C LYS C 100 -24.92 -5.37 1.30
N LEU C 101 -23.85 -4.70 0.88
CA LEU C 101 -23.83 -3.88 -0.33
C LEU C 101 -22.53 -4.17 -1.06
N SER C 102 -22.62 -4.57 -2.33
CA SER C 102 -21.44 -4.81 -3.16
C SER C 102 -21.67 -4.19 -4.52
N LEU C 103 -20.72 -3.36 -4.95
CA LEU C 103 -20.90 -2.55 -6.14
C LEU C 103 -19.63 -2.53 -6.97
N CYS C 104 -19.78 -2.70 -8.28
CA CYS C 104 -18.69 -2.53 -9.22
C CYS C 104 -18.73 -1.11 -9.77
N ILE C 105 -17.55 -0.52 -9.94
CA ILE C 105 -17.41 0.91 -10.20
C ILE C 105 -16.43 1.10 -11.36
N ALA C 106 -16.84 1.89 -12.34
CA ALA C 106 -15.97 2.16 -13.47
C ALA C 106 -14.91 3.18 -13.07
N PRO C 107 -13.63 2.86 -13.13
CA PRO C 107 -12.60 3.84 -12.77
C PRO C 107 -12.34 4.82 -13.89
N GLY C 108 -11.79 5.97 -13.52
CA GLY C 108 -11.35 6.95 -14.48
C GLY C 108 -10.02 6.66 -15.13
N LYS C 109 -9.40 5.53 -14.79
CA LYS C 109 -8.09 5.16 -15.33
C LYS C 109 -8.02 3.65 -15.42
N ALA C 110 -7.07 3.16 -16.21
CA ALA C 110 -6.94 1.71 -16.41
C ALA C 110 -6.34 1.06 -15.18
N CYS C 111 -6.66 -0.22 -15.00
CA CYS C 111 -6.04 -1.02 -13.95
C CYS C 111 -4.63 -1.43 -14.35
N SER C 112 -3.75 -1.48 -13.37
CA SER C 112 -2.45 -2.09 -13.58
C SER C 112 -2.63 -3.52 -14.10
N PRO C 113 -1.67 -4.05 -14.87
CA PRO C 113 -1.73 -5.48 -15.22
C PRO C 113 -1.85 -6.38 -13.99
N GLY C 114 -1.09 -6.07 -12.93
CA GLY C 114 -1.16 -6.89 -11.74
C GLY C 114 -2.50 -6.81 -11.04
N ALA C 115 -3.08 -5.61 -10.95
CA ALA C 115 -4.36 -5.46 -10.28
C ALA C 115 -5.46 -6.20 -11.04
N SER C 116 -5.44 -6.13 -12.37
CA SER C 116 -6.49 -6.76 -13.15
C SER C 116 -6.41 -8.28 -13.06
N GLU C 117 -5.21 -8.84 -13.02
CA GLU C 117 -5.10 -10.29 -12.82
C GLU C 117 -5.56 -10.69 -11.43
N ILE C 118 -5.20 -9.91 -10.42
CA ILE C 118 -5.53 -10.28 -9.04
C ILE C 118 -7.03 -10.13 -8.79
N THR C 119 -7.64 -9.05 -9.29
CA THR C 119 -9.02 -8.76 -8.97
C THR C 119 -10.00 -9.32 -9.98
N GLY C 120 -9.53 -9.68 -11.17
CA GLY C 120 -10.41 -10.11 -12.23
C GLY C 120 -11.23 -9.02 -12.85
N LEU C 121 -10.90 -7.75 -12.58
CA LEU C 121 -11.62 -6.61 -13.10
C LEU C 121 -10.73 -5.79 -14.02
N SER C 122 -11.37 -5.03 -14.92
CA SER C 122 -10.66 -4.11 -15.80
C SER C 122 -11.58 -2.96 -16.16
N LYS C 123 -10.97 -1.81 -16.45
CA LYS C 123 -11.77 -0.64 -16.84
C LYS C 123 -12.61 -0.95 -18.07
N ALA C 124 -12.01 -1.59 -19.08
CA ALA C 124 -12.75 -1.86 -20.31
C ALA C 124 -13.97 -2.73 -20.05
N GLU C 125 -13.82 -3.77 -19.24
CA GLU C 125 -14.96 -4.66 -18.98
C GLU C 125 -16.02 -3.97 -18.13
N LEU C 126 -15.61 -3.19 -17.13
CA LEU C 126 -16.59 -2.46 -16.33
C LEU C 126 -17.37 -1.47 -17.18
N GLU C 127 -16.70 -0.86 -18.18
CA GLU C 127 -17.37 0.14 -19.01
C GLU C 127 -18.34 -0.52 -19.98
N VAL C 128 -17.95 -1.64 -20.58
CA VAL C 128 -18.83 -2.33 -21.52
C VAL C 128 -20.02 -2.95 -20.79
N GLN C 129 -19.92 -3.16 -19.47
CA GLN C 129 -21.06 -3.56 -18.66
C GLN C 129 -21.75 -2.37 -18.02
N GLY C 130 -21.47 -1.16 -18.51
CA GLY C 130 -22.23 0.01 -18.12
C GLY C 130 -22.10 0.42 -16.68
N ARG C 131 -21.03 0.03 -15.99
CA ARG C 131 -20.83 0.50 -14.64
C ARG C 131 -20.68 2.02 -14.64
N GLN C 132 -21.19 2.66 -13.61
CA GLN C 132 -21.02 4.10 -13.47
C GLN C 132 -19.81 4.40 -12.61
N ARG C 133 -19.38 5.66 -12.67
CA ARG C 133 -18.24 6.11 -11.89
C ARG C 133 -18.60 6.25 -10.42
N PHE C 134 -17.57 6.46 -9.61
CA PHE C 134 -17.72 6.81 -8.20
C PHE C 134 -18.24 8.25 -8.15
N ASP C 135 -19.55 8.41 -8.01
CA ASP C 135 -20.16 9.72 -8.21
C ASP C 135 -21.12 10.07 -7.08
N ASP C 136 -21.85 11.17 -7.25
CA ASP C 136 -22.69 11.67 -6.17
C ASP C 136 -23.80 10.68 -5.84
N ASN C 137 -24.41 10.07 -6.85
CA ASN C 137 -25.47 9.09 -6.59
C ASN C 137 -24.93 7.93 -5.75
N LEU C 138 -23.71 7.49 -6.02
CA LEU C 138 -23.09 6.45 -5.21
C LEU C 138 -22.96 6.90 -3.75
N ALA C 139 -22.60 8.17 -3.52
CA ALA C 139 -22.54 8.68 -2.16
C ALA C 139 -23.92 8.66 -1.50
N ILE C 140 -24.96 9.02 -2.26
CA ILE C 140 -26.32 8.98 -1.73
C ILE C 140 -26.70 7.55 -1.35
N LEU C 141 -26.33 6.59 -2.19
CA LEU C 141 -26.56 5.17 -1.89
C LEU C 141 -25.86 4.76 -0.61
N LEU C 142 -24.55 5.04 -0.52
CA LEU C 142 -23.82 4.69 0.70
C LEU C 142 -24.44 5.35 1.92
N ARG C 143 -24.82 6.62 1.80
CA ARG C 143 -25.42 7.32 2.93
C ARG C 143 -26.71 6.66 3.37
N ALA C 144 -27.56 6.25 2.43
CA ALA C 144 -28.82 5.59 2.80
C ALA C 144 -28.56 4.23 3.43
N PHE C 145 -27.56 3.49 2.92
CA PHE C 145 -27.16 2.23 3.54
C PHE C 145 -26.66 2.45 4.96
N LEU C 146 -25.80 3.45 5.17
CA LEU C 146 -25.32 3.73 6.50
C LEU C 146 -26.43 4.17 7.44
N GLN C 147 -27.44 4.87 6.90
CA GLN C 147 -28.53 5.37 7.74
C GLN C 147 -29.32 4.23 8.38
N ARG C 148 -29.29 3.04 7.80
CA ARG C 148 -30.01 1.91 8.36
C ARG C 148 -29.22 1.19 9.45
N GLN C 149 -28.01 1.61 9.74
CA GLN C 149 -27.18 0.93 10.72
C GLN C 149 -27.16 1.70 12.04
N PRO C 150 -27.47 1.05 13.16
CA PRO C 150 -27.42 1.76 14.45
C PRO C 150 -26.02 2.30 14.74
N GLN C 151 -25.99 3.43 15.43
CA GLN C 151 -24.75 4.09 15.81
C GLN C 151 -24.46 3.87 17.29
N PRO C 152 -23.21 4.05 17.73
CA PRO C 152 -22.05 4.34 16.87
C PRO C 152 -21.72 3.19 15.92
N CYS C 153 -21.17 3.54 14.76
CA CYS C 153 -20.87 2.61 13.69
C CYS C 153 -19.39 2.70 13.35
N CYS C 154 -18.75 1.56 13.19
CA CYS C 154 -17.31 1.50 12.98
C CYS C 154 -17.00 0.66 11.75
N LEU C 155 -16.23 1.24 10.82
CA LEU C 155 -15.73 0.51 9.67
C LEU C 155 -14.57 -0.38 10.09
N VAL C 156 -14.48 -1.55 9.49
CA VAL C 156 -13.41 -2.49 9.74
C VAL C 156 -12.83 -2.94 8.41
N ALA C 157 -11.54 -2.68 8.19
CA ALA C 157 -10.90 -3.06 6.94
C ALA C 157 -9.49 -3.56 7.20
N HIS C 158 -9.10 -4.61 6.48
CA HIS C 158 -7.79 -5.22 6.63
C HIS C 158 -6.78 -4.42 5.82
N ASN C 159 -5.88 -3.73 6.51
CA ASN C 159 -4.99 -2.72 5.93
C ASN C 159 -5.73 -1.42 5.64
N GLY C 160 -6.85 -1.20 6.33
CA GLY C 160 -7.64 0.00 6.08
C GLY C 160 -6.87 1.28 6.32
N ASP C 161 -6.11 1.34 7.43
CA ASP C 161 -5.39 2.57 7.75
C ASP C 161 -4.43 2.96 6.64
N ARG C 162 -3.88 2.00 5.92
CA ARG C 162 -2.90 2.29 4.88
C ARG C 162 -3.47 2.23 3.47
N TYR C 163 -4.64 1.62 3.28
CA TYR C 163 -5.18 1.53 1.93
C TYR C 163 -6.63 2.00 1.84
N ASP C 164 -7.56 1.25 2.45
CA ASP C 164 -8.97 1.45 2.15
C ASP C 164 -9.48 2.79 2.67
N PHE C 165 -9.15 3.13 3.92
CA PHE C 165 -9.70 4.36 4.47
C PHE C 165 -9.14 5.58 3.73
N PRO C 166 -7.84 5.69 3.49
CA PRO C 166 -7.33 6.85 2.73
C PRO C 166 -7.85 6.90 1.31
N LEU C 167 -7.99 5.75 0.63
CA LEU C 167 -8.48 5.76 -0.73
C LEU C 167 -9.95 6.16 -0.78
N LEU C 168 -10.78 5.63 0.12
CA LEU C 168 -12.17 6.04 0.20
C LEU C 168 -12.29 7.52 0.49
N GLN C 169 -11.44 8.04 1.39
CA GLN C 169 -11.40 9.48 1.63
C GLN C 169 -11.13 10.24 0.34
N THR C 170 -10.15 9.79 -0.45
CA THR C 170 -9.84 10.48 -1.70
C THR C 170 -11.02 10.45 -2.66
N GLU C 171 -11.64 9.28 -2.83
CA GLU C 171 -12.78 9.18 -3.73
C GLU C 171 -13.92 10.11 -3.28
N LEU C 172 -14.23 10.08 -1.98
CA LEU C 172 -15.34 10.89 -1.51
C LEU C 172 -15.02 12.38 -1.57
N ALA C 173 -13.74 12.74 -1.51
CA ALA C 173 -13.37 14.15 -1.54
C ALA C 173 -13.63 14.76 -2.90
N ARG C 174 -13.58 13.96 -3.97
CA ARG C 174 -13.84 14.48 -5.31
C ARG C 174 -15.29 14.88 -5.51
N LEU C 175 -16.19 14.51 -4.60
CA LEU C 175 -17.62 14.63 -4.85
C LEU C 175 -18.17 15.93 -4.27
N SER C 176 -19.40 16.25 -4.69
CA SER C 176 -20.10 17.42 -4.17
C SER C 176 -20.84 17.10 -2.88
N THR C 177 -21.31 15.88 -2.73
CA THR C 177 -22.04 15.49 -1.53
C THR C 177 -21.11 15.50 -0.33
N PRO C 178 -21.53 16.04 0.81
CA PRO C 178 -20.71 15.90 2.02
C PRO C 178 -20.49 14.42 2.33
N SER C 179 -19.29 14.10 2.81
CA SER C 179 -18.93 12.71 3.08
C SER C 179 -19.99 12.05 3.97
N PRO C 180 -20.57 10.92 3.56
CA PRO C 180 -21.53 10.23 4.45
C PRO C 180 -20.86 9.60 5.66
N LEU C 181 -19.54 9.59 5.73
CA LEU C 181 -18.81 8.92 6.80
C LEU C 181 -18.25 9.88 7.85
N ASP C 182 -18.67 11.14 7.83
CA ASP C 182 -18.08 12.10 8.77
C ASP C 182 -18.45 11.82 10.22
N GLY C 183 -19.48 11.00 10.46
CA GLY C 183 -19.84 10.58 11.80
C GLY C 183 -19.55 9.13 12.10
N THR C 184 -18.83 8.44 11.22
CA THR C 184 -18.54 7.02 11.36
C THR C 184 -17.11 6.84 11.84
N PHE C 185 -16.89 5.77 12.58
CA PHE C 185 -15.57 5.43 13.08
C PHE C 185 -14.96 4.31 12.25
N CYS C 186 -13.66 4.07 12.45
CA CYS C 186 -12.94 3.10 11.64
C CYS C 186 -11.79 2.51 12.45
N VAL C 187 -11.30 1.37 11.97
CA VAL C 187 -10.23 0.64 12.64
C VAL C 187 -9.66 -0.38 11.67
N ASP C 188 -8.40 -0.73 11.86
CA ASP C 188 -7.68 -1.65 10.99
C ASP C 188 -7.63 -3.03 11.64
N SER C 189 -8.06 -4.06 10.90
CA SER C 189 -8.15 -5.40 11.44
C SER C 189 -6.77 -6.05 11.61
N ILE C 190 -5.73 -5.50 10.98
CA ILE C 190 -4.39 -6.07 11.15
C ILE C 190 -3.94 -5.92 12.60
N ALA C 191 -3.96 -4.70 13.12
CA ALA C 191 -3.58 -4.46 14.50
C ALA C 191 -4.44 -5.28 15.46
N ALA C 192 -5.73 -5.45 15.13
CA ALA C 192 -6.62 -6.19 16.01
C ALA C 192 -6.20 -7.65 16.13
N LEU C 193 -6.00 -8.33 14.99
CA LEU C 193 -5.65 -9.74 15.05
C LEU C 193 -4.22 -9.96 15.52
N LYS C 194 -3.33 -9.00 15.30
CA LYS C 194 -2.01 -9.06 15.92
C LYS C 194 -2.13 -9.12 17.44
N ALA C 195 -3.09 -8.38 18.00
CA ALA C 195 -3.27 -8.38 19.45
C ALA C 195 -3.96 -9.66 19.93
N LEU C 196 -5.01 -10.10 19.22
CA LEU C 196 -5.73 -11.30 19.64
C LEU C 196 -4.85 -12.54 19.52
N GLU C 197 -4.08 -12.65 18.44
CA GLU C 197 -3.22 -13.81 18.25
C GLU C 197 -2.04 -13.80 19.20
N GLN C 198 -1.58 -12.61 19.60
CA GLN C 198 -0.51 -12.53 20.59
C GLN C 198 -0.99 -13.07 21.94
N ALA C 199 -2.17 -12.64 22.37
CA ALA C 199 -2.70 -13.08 23.65
C ALA C 199 -3.15 -14.54 23.61
N SER C 200 -3.31 -15.11 22.43
CA SER C 200 -3.83 -16.47 22.29
C SER C 200 -2.73 -17.52 22.19
N SER C 201 -1.46 -17.13 22.35
CA SER C 201 -0.37 -18.10 22.45
C SER C 201 0.94 -17.38 22.74
N SER C 207 6.87 -16.46 14.38
CA SER C 207 7.55 -15.26 14.81
C SER C 207 7.32 -14.14 13.79
N ARG C 208 7.66 -14.44 12.54
CA ARG C 208 7.54 -13.52 11.42
C ARG C 208 6.32 -13.84 10.56
N LYS C 209 5.32 -14.49 11.14
CA LYS C 209 4.12 -14.88 10.42
C LYS C 209 3.54 -13.72 9.63
N SER C 210 2.94 -14.05 8.50
CA SER C 210 2.25 -13.05 7.70
C SER C 210 0.94 -12.66 8.35
N TYR C 211 0.60 -11.38 8.28
CA TYR C 211 -0.70 -10.90 8.72
C TYR C 211 -1.54 -10.40 7.55
N SER C 212 -1.27 -10.93 6.37
CA SER C 212 -2.17 -10.77 5.24
C SER C 212 -3.51 -11.43 5.58
N LEU C 213 -4.56 -10.96 4.91
CA LEU C 213 -5.89 -11.52 5.12
C LEU C 213 -5.88 -13.04 4.97
N GLY C 214 -5.29 -13.52 3.86
CA GLY C 214 -5.31 -14.95 3.59
C GLY C 214 -4.47 -15.75 4.56
N SER C 215 -3.34 -15.19 4.99
CA SER C 215 -2.47 -15.89 5.93
C SER C 215 -3.17 -16.13 7.26
N ILE C 216 -3.81 -15.09 7.80
CA ILE C 216 -4.51 -15.23 9.08
C ILE C 216 -5.62 -16.28 8.96
N TYR C 217 -6.40 -16.19 7.89
CA TYR C 217 -7.54 -17.10 7.73
C TYR C 217 -7.09 -18.55 7.71
N THR C 218 -6.11 -18.88 6.87
CA THR C 218 -5.65 -20.26 6.77
C THR C 218 -5.02 -20.72 8.07
N ARG C 219 -4.26 -19.83 8.73
CA ARG C 219 -3.67 -20.15 10.02
C ARG C 219 -4.74 -20.49 11.05
N LEU C 220 -5.82 -19.72 11.08
CA LEU C 220 -6.86 -19.96 12.08
C LEU C 220 -7.67 -21.20 11.76
N TYR C 221 -8.00 -21.41 10.49
CA TYR C 221 -9.02 -22.38 10.12
C TYR C 221 -8.51 -23.50 9.21
N TRP C 222 -7.26 -23.45 8.78
CA TRP C 222 -6.66 -24.52 7.98
C TRP C 222 -7.42 -24.74 6.68
N GLN C 223 -8.02 -23.67 6.16
CA GLN C 223 -8.76 -23.70 4.90
C GLN C 223 -8.33 -22.50 4.08
N ALA C 224 -8.23 -22.69 2.76
CA ALA C 224 -7.97 -21.56 1.88
C ALA C 224 -9.23 -20.69 1.79
N PRO C 225 -9.09 -19.37 1.80
CA PRO C 225 -10.27 -18.52 1.62
C PRO C 225 -10.87 -18.70 0.23
N THR C 226 -12.16 -18.46 0.14
CA THR C 226 -12.84 -18.51 -1.15
C THR C 226 -13.00 -17.10 -1.71
N ASP C 227 -12.91 -17.00 -3.04
CA ASP C 227 -13.14 -15.74 -3.75
C ASP C 227 -12.19 -14.65 -3.25
N SER C 228 -10.90 -15.00 -3.17
CA SER C 228 -9.89 -14.04 -2.73
C SER C 228 -9.76 -12.89 -3.71
N HIS C 229 -9.45 -11.71 -3.18
CA HIS C 229 -9.16 -10.53 -3.99
C HIS C 229 -10.38 -10.08 -4.80
N THR C 230 -11.57 -10.43 -4.32
CA THR C 230 -12.81 -9.76 -4.70
C THR C 230 -13.33 -9.05 -3.46
N ALA C 231 -14.03 -7.93 -3.66
CA ALA C 231 -14.47 -7.12 -2.53
C ALA C 231 -15.32 -7.95 -1.57
N GLU C 232 -16.37 -8.59 -2.09
CA GLU C 232 -17.25 -9.35 -1.21
C GLU C 232 -16.54 -10.56 -0.63
N GLY C 233 -15.72 -11.24 -1.44
CA GLY C 233 -14.98 -12.38 -0.94
C GLY C 233 -14.06 -12.02 0.21
N ASP C 234 -13.32 -10.92 0.07
CA ASP C 234 -12.42 -10.49 1.13
C ASP C 234 -13.17 -10.00 2.35
N VAL C 235 -14.35 -9.41 2.16
CA VAL C 235 -15.13 -8.97 3.31
C VAL C 235 -15.62 -10.17 4.12
N LEU C 236 -16.06 -11.22 3.44
CA LEU C 236 -16.54 -12.41 4.15
C LEU C 236 -15.39 -13.11 4.86
N THR C 237 -14.22 -13.17 4.21
CA THR C 237 -13.04 -13.70 4.88
C THR C 237 -12.70 -12.89 6.12
N LEU C 238 -12.77 -11.56 6.02
CA LEU C 238 -12.49 -10.71 7.17
C LEU C 238 -13.51 -10.93 8.27
N LEU C 239 -14.79 -11.07 7.92
CA LEU C 239 -15.78 -11.37 8.93
C LEU C 239 -15.41 -12.66 9.66
N SER C 240 -14.96 -13.67 8.93
CA SER C 240 -14.65 -14.96 9.53
C SER C 240 -13.52 -14.84 10.55
N ILE C 241 -12.45 -14.12 10.20
CA ILE C 241 -11.35 -14.00 11.15
C ILE C 241 -11.74 -13.08 12.31
N CYS C 242 -12.62 -12.10 12.08
CA CYS C 242 -13.09 -11.27 13.18
C CYS C 242 -14.07 -12.02 14.07
N GLN C 243 -14.67 -13.10 13.58
CA GLN C 243 -15.52 -13.94 14.41
C GLN C 243 -14.74 -14.97 15.22
N TRP C 244 -13.41 -15.04 15.04
CA TRP C 244 -12.61 -16.02 15.76
C TRP C 244 -12.77 -15.86 17.27
N LYS C 245 -12.53 -14.66 17.77
CA LYS C 245 -12.71 -14.34 19.19
C LYS C 245 -13.59 -13.09 19.25
N PRO C 246 -14.91 -13.26 19.19
CA PRO C 246 -15.77 -12.08 18.97
C PRO C 246 -15.72 -11.07 20.10
N GLN C 247 -15.78 -11.54 21.36
CA GLN C 247 -15.80 -10.61 22.49
C GLN C 247 -14.49 -9.84 22.59
N ALA C 248 -13.37 -10.52 22.42
CA ALA C 248 -12.07 -9.84 22.44
C ALA C 248 -11.94 -8.89 21.26
N LEU C 249 -12.45 -9.28 20.09
CA LEU C 249 -12.38 -8.40 18.92
C LEU C 249 -13.19 -7.13 19.15
N LEU C 250 -14.37 -7.26 19.76
CA LEU C 250 -15.22 -6.09 19.98
C LEU C 250 -14.61 -5.15 21.00
N GLN C 251 -14.05 -5.69 22.09
CA GLN C 251 -13.40 -4.83 23.07
C GLN C 251 -12.25 -4.05 22.44
N TRP C 252 -11.47 -4.72 21.58
CA TRP C 252 -10.37 -4.04 20.91
C TRP C 252 -10.89 -2.92 20.00
N VAL C 253 -12.00 -3.17 19.31
CA VAL C 253 -12.55 -2.17 18.39
C VAL C 253 -13.04 -0.95 19.16
N ASP C 254 -13.79 -1.17 20.25
CA ASP C 254 -14.27 -0.07 21.06
C ASP C 254 -13.12 0.81 21.53
N GLU C 255 -12.00 0.19 21.93
CA GLU C 255 -10.91 0.95 22.51
C GLU C 255 -10.09 1.68 21.45
N HIS C 256 -10.08 1.17 20.21
CA HIS C 256 -9.19 1.69 19.17
C HIS C 256 -9.90 2.41 18.03
N ALA C 257 -11.23 2.39 18.01
CA ALA C 257 -11.97 3.05 16.95
C ALA C 257 -11.69 4.54 16.95
N ARG C 258 -11.46 5.09 15.76
CA ARG C 258 -11.23 6.53 15.61
C ARG C 258 -12.12 7.09 14.51
N PRO C 259 -12.36 8.39 14.53
CA PRO C 259 -13.22 8.99 13.50
C PRO C 259 -12.63 8.82 12.11
N PHE C 260 -13.47 8.37 11.17
CA PHE C 260 -13.10 8.40 9.76
C PHE C 260 -12.79 9.82 9.30
N SER C 261 -13.38 10.82 9.97
CA SER C 261 -13.03 12.22 9.76
C SER C 261 -11.53 12.44 9.75
N THR C 262 -10.79 11.68 10.56
CA THR C 262 -9.38 11.92 10.81
C THR C 262 -8.49 11.31 9.75
N VAL C 263 -9.03 10.43 8.91
CA VAL C 263 -8.23 9.72 7.93
C VAL C 263 -7.78 10.69 6.85
N LYS C 264 -6.48 10.76 6.63
CA LYS C 264 -5.97 11.67 5.60
C LYS C 264 -6.06 10.99 4.23
N PRO C 265 -6.38 11.75 3.18
CA PRO C 265 -6.54 11.13 1.85
C PRO C 265 -5.26 10.43 1.38
N MET C 266 -5.46 9.35 0.62
CA MET C 266 -4.31 8.69 0.00
C MET C 266 -3.54 9.67 -0.87
N TYR C 267 -4.23 10.46 -1.68
CA TYR C 267 -3.60 11.44 -2.54
C TYR C 267 -4.63 12.51 -2.90
N GLY C 268 -4.16 13.55 -3.60
CA GLY C 268 -5.02 14.62 -4.05
C GLY C 268 -5.48 15.53 -2.93
N THR C 269 -5.91 16.75 -3.26
CA THR C 269 -5.82 17.28 -4.62
C THR C 269 -5.88 18.81 -4.58
N THR D 39 -38.82 -4.74 -32.83
CA THR D 39 -40.18 -4.34 -32.46
C THR D 39 -40.60 -4.99 -31.15
N LEU D 40 -39.72 -4.90 -30.13
CA LEU D 40 -40.03 -5.43 -28.81
C LEU D 40 -40.88 -4.44 -28.02
N PRO D 41 -41.70 -4.91 -27.09
CA PRO D 41 -42.59 -3.99 -26.37
C PRO D 41 -41.83 -2.90 -25.61
N HIS D 42 -40.81 -3.27 -24.84
CA HIS D 42 -40.07 -2.30 -24.03
C HIS D 42 -38.58 -2.33 -24.32
N GLY D 43 -38.18 -2.77 -25.51
CA GLY D 43 -36.79 -2.80 -25.88
C GLY D 43 -36.06 -4.01 -25.29
N HIS D 44 -34.76 -4.02 -25.52
CA HIS D 44 -33.89 -5.07 -25.00
C HIS D 44 -33.46 -4.70 -23.59
N MET D 45 -33.83 -5.52 -22.60
CA MET D 45 -33.41 -5.27 -21.23
C MET D 45 -31.90 -5.26 -21.14
N GLN D 46 -31.35 -4.17 -20.56
CA GLN D 46 -29.91 -4.08 -20.37
C GLN D 46 -29.47 -4.57 -19.01
N THR D 47 -30.38 -4.66 -18.04
CA THR D 47 -30.06 -5.16 -16.71
C THR D 47 -31.14 -6.12 -16.28
N LEU D 48 -30.74 -7.27 -15.76
CA LEU D 48 -31.63 -8.17 -15.06
C LEU D 48 -31.29 -8.10 -13.58
N ILE D 49 -32.27 -7.78 -12.75
CA ILE D 49 -32.09 -7.71 -11.31
C ILE D 49 -32.82 -8.89 -10.71
N PHE D 50 -32.07 -9.89 -10.28
CA PHE D 50 -32.65 -11.03 -9.61
C PHE D 50 -33.05 -10.63 -8.19
N LEU D 51 -34.30 -10.91 -7.85
CA LEU D 51 -34.92 -10.41 -6.63
C LEU D 51 -35.51 -11.56 -5.86
N ASP D 52 -35.30 -11.53 -4.54
CA ASP D 52 -36.05 -12.39 -3.64
C ASP D 52 -36.35 -11.62 -2.36
N LEU D 53 -37.50 -11.91 -1.77
CA LEU D 53 -37.83 -11.37 -0.46
C LEU D 53 -38.32 -12.48 0.46
N GLU D 54 -38.10 -12.28 1.75
CA GLU D 54 -38.69 -13.08 2.81
C GLU D 54 -39.68 -12.20 3.57
N ALA D 55 -40.69 -12.83 4.18
CA ALA D 55 -41.77 -12.07 4.79
C ALA D 55 -42.30 -12.80 6.01
N THR D 56 -43.29 -12.18 6.64
CA THR D 56 -43.84 -12.69 7.90
C THR D 56 -44.77 -13.89 7.71
N GLY D 57 -45.25 -14.14 6.50
CA GLY D 57 -46.13 -15.27 6.29
C GLY D 57 -46.68 -15.29 4.88
N LEU D 58 -47.78 -16.04 4.73
CA LEU D 58 -48.45 -16.24 3.46
C LEU D 58 -49.31 -15.03 3.11
N PRO D 59 -49.70 -14.90 1.83
CA PRO D 59 -50.52 -13.74 1.44
C PRO D 59 -51.78 -13.58 2.28
N SER D 60 -52.41 -14.69 2.66
CA SER D 60 -53.57 -14.64 3.55
C SER D 60 -53.29 -13.79 4.79
N SER D 61 -52.04 -13.77 5.25
CA SER D 61 -51.67 -13.10 6.48
C SER D 61 -51.48 -11.60 6.33
N ARG D 62 -51.61 -11.05 5.13
CA ARG D 62 -51.25 -9.66 4.86
C ARG D 62 -49.80 -9.43 5.31
N PRO D 63 -48.85 -10.16 4.73
CA PRO D 63 -47.51 -10.21 5.30
C PRO D 63 -46.71 -8.93 5.03
N GLU D 64 -45.61 -8.81 5.77
CA GLU D 64 -44.68 -7.70 5.59
C GLU D 64 -43.27 -8.23 5.37
N VAL D 65 -42.46 -7.46 4.65
CA VAL D 65 -41.14 -7.91 4.23
C VAL D 65 -40.20 -7.90 5.43
N THR D 66 -39.45 -9.00 5.59
CA THR D 66 -38.39 -9.09 6.59
C THR D 66 -36.99 -9.09 5.98
N GLU D 67 -36.85 -9.39 4.69
CA GLU D 67 -35.54 -9.43 4.05
C GLU D 67 -35.72 -9.20 2.55
N LEU D 68 -34.76 -8.52 1.95
CA LEU D 68 -34.80 -8.15 0.54
C LEU D 68 -33.41 -8.29 -0.05
N CYS D 69 -33.30 -8.99 -1.17
CA CYS D 69 -32.02 -9.10 -1.86
C CYS D 69 -32.21 -8.78 -3.33
N LEU D 70 -31.38 -7.89 -3.85
CA LEU D 70 -31.31 -7.57 -5.26
C LEU D 70 -29.92 -7.92 -5.77
N LEU D 71 -29.87 -8.57 -6.94
CA LEU D 71 -28.60 -8.90 -7.59
C LEU D 71 -28.71 -8.45 -9.05
N ALA D 72 -28.03 -7.35 -9.37
CA ALA D 72 -28.12 -6.75 -10.70
C ALA D 72 -27.02 -7.34 -11.59
N VAL D 73 -27.42 -7.88 -12.74
CA VAL D 73 -26.47 -8.45 -13.69
C VAL D 73 -26.70 -7.78 -15.04
N HIS D 74 -25.63 -7.33 -15.67
CA HIS D 74 -25.75 -6.73 -16.99
C HIS D 74 -26.01 -7.80 -18.04
N ARG D 75 -26.77 -7.42 -19.07
CA ARG D 75 -27.08 -8.33 -20.17
C ARG D 75 -25.83 -9.04 -20.68
N ARG D 76 -24.72 -8.31 -20.82
CA ARG D 76 -23.51 -8.88 -21.42
C ARG D 76 -22.90 -9.95 -20.51
N ALA D 77 -22.96 -9.75 -19.20
CA ALA D 77 -22.45 -10.74 -18.27
C ALA D 77 -23.21 -12.06 -18.39
N LEU D 78 -24.47 -12.00 -18.82
CA LEU D 78 -25.27 -13.20 -18.98
C LEU D 78 -24.96 -13.91 -20.28
N GLU D 79 -24.96 -13.17 -21.40
CA GLU D 79 -24.59 -13.78 -22.68
C GLU D 79 -23.12 -14.15 -22.74
N ASN D 80 -22.31 -13.69 -21.78
CA ASN D 80 -20.94 -14.17 -21.63
C ASN D 80 -20.88 -15.52 -20.93
N THR D 81 -21.99 -15.97 -20.32
CA THR D 81 -22.03 -17.25 -19.64
C THR D 81 -21.70 -18.38 -20.61
N SER D 82 -20.74 -19.22 -20.23
CA SER D 82 -20.46 -20.44 -20.99
C SER D 82 -21.73 -21.26 -21.13
N ILE D 83 -22.04 -21.64 -22.37
CA ILE D 83 -23.28 -22.39 -22.59
C ILE D 83 -23.20 -23.70 -21.82
N SER D 84 -24.37 -24.15 -21.35
CA SER D 84 -24.43 -25.39 -20.57
C SER D 84 -24.05 -26.58 -21.45
N GLN D 85 -23.23 -27.46 -20.87
CA GLN D 85 -22.57 -28.54 -21.57
C GLN D 85 -22.65 -29.80 -20.72
N GLY D 86 -23.04 -30.91 -21.33
CA GLY D 86 -23.00 -32.19 -20.66
C GLY D 86 -24.22 -32.51 -19.85
N HIS D 87 -24.18 -33.69 -19.22
CA HIS D 87 -25.31 -34.26 -18.51
C HIS D 87 -24.84 -34.86 -17.19
N PRO D 88 -25.00 -34.15 -16.05
CA PRO D 88 -25.53 -32.81 -15.84
C PRO D 88 -24.50 -31.74 -16.18
N PRO D 89 -24.93 -30.58 -16.69
CA PRO D 89 -24.00 -29.47 -16.85
C PRO D 89 -23.50 -29.01 -15.49
N PRO D 90 -22.28 -28.49 -15.41
CA PRO D 90 -21.82 -27.91 -14.15
C PRO D 90 -22.65 -26.68 -13.78
N VAL D 91 -22.74 -26.41 -12.49
CA VAL D 91 -23.46 -25.23 -12.02
C VAL D 91 -22.72 -24.00 -12.53
N PRO D 92 -23.36 -23.09 -13.27
CA PRO D 92 -22.63 -21.95 -13.81
C PRO D 92 -21.98 -21.12 -12.71
N ARG D 93 -20.83 -20.57 -13.03
CA ARG D 93 -20.16 -19.62 -12.14
C ARG D 93 -20.86 -18.27 -12.24
N PRO D 94 -21.13 -17.60 -11.12
CA PRO D 94 -21.70 -16.27 -11.18
C PRO D 94 -20.81 -15.35 -12.01
N PRO D 95 -21.38 -14.32 -12.64
CA PRO D 95 -20.54 -13.35 -13.35
C PRO D 95 -19.66 -12.60 -12.37
N ARG D 96 -18.47 -12.18 -12.85
CA ARG D 96 -17.57 -11.42 -12.00
C ARG D 96 -18.16 -10.06 -11.64
N VAL D 97 -18.71 -9.36 -12.61
CA VAL D 97 -19.25 -8.02 -12.40
C VAL D 97 -20.71 -8.15 -12.00
N VAL D 98 -21.00 -7.75 -10.78
CA VAL D 98 -22.33 -7.91 -10.19
C VAL D 98 -22.50 -6.80 -9.15
N ASP D 99 -23.71 -6.25 -9.07
CA ASP D 99 -24.12 -5.39 -7.97
C ASP D 99 -25.09 -6.17 -7.08
N LYS D 100 -24.88 -6.09 -5.77
CA LYS D 100 -25.70 -6.84 -4.84
C LYS D 100 -26.09 -5.95 -3.67
N LEU D 101 -27.36 -6.06 -3.28
CA LEU D 101 -27.91 -5.41 -2.10
C LEU D 101 -28.73 -6.44 -1.34
N SER D 102 -28.41 -6.65 -0.06
CA SER D 102 -29.21 -7.53 0.79
C SER D 102 -29.48 -6.82 2.10
N LEU D 103 -30.76 -6.72 2.47
CA LEU D 103 -31.17 -5.96 3.64
C LEU D 103 -32.14 -6.77 4.48
N CYS D 104 -31.95 -6.70 5.79
CA CYS D 104 -32.92 -7.21 6.75
C CYS D 104 -33.79 -6.05 7.23
N ILE D 105 -35.08 -6.32 7.40
CA ILE D 105 -36.08 -5.28 7.62
C ILE D 105 -36.97 -5.69 8.79
N ALA D 106 -37.13 -4.80 9.75
CA ALA D 106 -38.03 -5.05 10.88
C ALA D 106 -39.47 -4.95 10.39
N PRO D 107 -40.29 -5.99 10.56
CA PRO D 107 -41.70 -5.88 10.18
C PRO D 107 -42.51 -5.27 11.30
N GLY D 108 -43.69 -4.77 10.94
CA GLY D 108 -44.63 -4.26 11.94
C GLY D 108 -45.44 -5.31 12.65
N LYS D 109 -45.42 -6.55 12.15
CA LYS D 109 -46.15 -7.66 12.75
C LYS D 109 -45.20 -8.84 12.86
N ALA D 110 -45.50 -9.73 13.81
CA ALA D 110 -44.64 -10.89 14.02
C ALA D 110 -44.75 -11.87 12.86
N CYS D 111 -43.72 -12.70 12.72
CA CYS D 111 -43.76 -13.78 11.75
C CYS D 111 -44.55 -14.96 12.29
N SER D 112 -45.22 -15.67 11.37
CA SER D 112 -45.75 -16.99 11.64
C SER D 112 -44.64 -17.85 12.22
N PRO D 113 -44.96 -18.86 13.05
CA PRO D 113 -43.92 -19.83 13.42
C PRO D 113 -43.39 -20.59 12.21
N GLY D 114 -44.25 -20.92 11.26
CA GLY D 114 -43.79 -21.57 10.04
C GLY D 114 -42.90 -20.67 9.22
N ALA D 115 -43.22 -19.38 9.15
CA ALA D 115 -42.37 -18.43 8.44
C ALA D 115 -41.04 -18.25 9.14
N SER D 116 -41.06 -18.09 10.46
CA SER D 116 -39.81 -17.84 11.18
C SER D 116 -38.88 -19.04 11.14
N GLU D 117 -39.43 -20.24 10.99
CA GLU D 117 -38.60 -21.42 10.91
C GLU D 117 -37.83 -21.50 9.61
N ILE D 118 -38.53 -21.31 8.50
CA ILE D 118 -37.90 -21.53 7.21
C ILE D 118 -37.01 -20.36 6.84
N THR D 119 -37.34 -19.14 7.26
CA THR D 119 -36.50 -17.99 6.96
C THR D 119 -35.39 -17.78 7.99
N GLY D 120 -35.54 -18.34 9.19
CA GLY D 120 -34.59 -18.06 10.25
C GLY D 120 -34.66 -16.66 10.80
N LEU D 121 -35.71 -15.91 10.48
CA LEU D 121 -35.87 -14.54 10.94
C LEU D 121 -37.08 -14.44 11.86
N SER D 122 -37.01 -13.47 12.76
CA SER D 122 -38.13 -13.15 13.64
C SER D 122 -38.17 -11.65 13.84
N LYS D 123 -39.39 -11.13 14.06
CA LYS D 123 -39.55 -9.73 14.44
C LYS D 123 -38.72 -9.43 15.68
N ALA D 124 -38.73 -10.33 16.65
CA ALA D 124 -38.02 -10.10 17.91
C ALA D 124 -36.53 -9.88 17.67
N GLU D 125 -35.89 -10.78 16.92
CA GLU D 125 -34.45 -10.67 16.74
C GLU D 125 -34.07 -9.53 15.81
N LEU D 126 -34.94 -9.20 14.84
CA LEU D 126 -34.67 -8.08 13.96
C LEU D 126 -34.68 -6.76 14.73
N GLU D 127 -35.67 -6.58 15.59
CA GLU D 127 -35.72 -5.37 16.43
C GLU D 127 -34.57 -5.37 17.43
N VAL D 128 -34.26 -6.54 17.99
CA VAL D 128 -33.15 -6.66 18.92
C VAL D 128 -31.85 -6.19 18.28
N GLN D 129 -31.66 -6.49 17.00
CA GLN D 129 -30.49 -6.07 16.26
C GLN D 129 -30.69 -4.73 15.57
N GLY D 130 -31.69 -3.96 15.98
CA GLY D 130 -31.83 -2.58 15.58
C GLY D 130 -32.17 -2.37 14.12
N ARG D 131 -32.89 -3.30 13.49
CA ARG D 131 -33.28 -3.12 12.10
C ARG D 131 -34.41 -2.10 12.00
N GLN D 132 -34.34 -1.26 10.97
CA GLN D 132 -35.36 -0.27 10.67
C GLN D 132 -36.52 -0.90 9.92
N ARG D 133 -37.66 -0.21 9.95
CA ARG D 133 -38.83 -0.60 9.18
C ARG D 133 -38.61 -0.32 7.68
N PHE D 134 -39.55 -0.80 6.87
CA PHE D 134 -39.63 -0.44 5.45
C PHE D 134 -40.08 1.02 5.34
N ASP D 135 -39.15 1.94 5.09
CA ASP D 135 -39.48 3.36 5.17
C ASP D 135 -38.91 4.12 3.98
N ASP D 136 -39.08 5.45 4.02
CA ASP D 136 -38.68 6.31 2.91
C ASP D 136 -37.19 6.18 2.62
N ASN D 137 -36.36 6.10 3.66
CA ASN D 137 -34.92 5.99 3.44
C ASN D 137 -34.57 4.71 2.69
N LEU D 138 -35.31 3.63 2.94
CA LEU D 138 -35.12 2.41 2.14
C LEU D 138 -35.49 2.66 0.69
N ALA D 139 -36.58 3.39 0.44
CA ALA D 139 -36.94 3.71 -0.94
C ALA D 139 -35.83 4.51 -1.62
N ILE D 140 -35.22 5.44 -0.89
CA ILE D 140 -34.11 6.22 -1.45
C ILE D 140 -32.93 5.32 -1.77
N LEU D 141 -32.62 4.40 -0.86
CA LEU D 141 -31.52 3.45 -1.09
C LEU D 141 -31.77 2.64 -2.37
N LEU D 142 -32.98 2.06 -2.48
CA LEU D 142 -33.32 1.30 -3.68
C LEU D 142 -33.22 2.16 -4.93
N ARG D 143 -33.71 3.40 -4.87
CA ARG D 143 -33.66 4.29 -6.02
C ARG D 143 -32.22 4.49 -6.50
N ALA D 144 -31.30 4.76 -5.57
CA ALA D 144 -29.92 5.00 -5.96
C ALA D 144 -29.26 3.71 -6.47
N PHE D 145 -29.59 2.57 -5.87
CA PHE D 145 -29.09 1.29 -6.37
C PHE D 145 -29.57 1.05 -7.80
N LEU D 146 -30.87 1.25 -8.05
CA LEU D 146 -31.40 1.02 -9.39
C LEU D 146 -30.79 2.00 -10.40
N GLN D 147 -30.57 3.25 -10.00
CA GLN D 147 -30.06 4.24 -10.94
C GLN D 147 -28.65 3.93 -11.40
N ARG D 148 -27.91 3.10 -10.66
CA ARG D 148 -26.61 2.67 -11.14
C ARG D 148 -26.70 1.58 -12.20
N GLN D 149 -27.90 1.12 -12.54
CA GLN D 149 -28.03 0.03 -13.50
C GLN D 149 -28.48 0.58 -14.85
N PRO D 150 -27.82 0.21 -15.96
CA PRO D 150 -28.32 0.63 -17.27
C PRO D 150 -29.74 0.13 -17.54
N GLN D 151 -30.51 0.95 -18.22
CA GLN D 151 -31.91 0.72 -18.53
C GLN D 151 -32.07 0.28 -19.98
N PRO D 152 -33.17 -0.41 -20.33
CA PRO D 152 -34.25 -0.86 -19.44
C PRO D 152 -33.77 -1.93 -18.45
N CYS D 153 -34.41 -1.97 -17.29
CA CYS D 153 -34.06 -2.86 -16.20
C CYS D 153 -35.25 -3.75 -15.88
N CYS D 154 -35.00 -5.04 -15.68
CA CYS D 154 -36.08 -5.98 -15.44
C CYS D 154 -35.81 -6.78 -14.17
N LEU D 155 -36.74 -6.71 -13.23
CA LEU D 155 -36.70 -7.58 -12.07
C LEU D 155 -37.06 -9.00 -12.46
N VAL D 156 -36.34 -9.97 -11.90
CA VAL D 156 -36.62 -11.38 -12.09
C VAL D 156 -36.78 -12.00 -10.70
N ALA D 157 -37.95 -12.58 -10.43
CA ALA D 157 -38.22 -13.18 -9.13
C ALA D 157 -39.04 -14.46 -9.33
N HIS D 158 -38.71 -15.48 -8.55
CA HIS D 158 -39.41 -16.75 -8.64
C HIS D 158 -40.73 -16.66 -7.90
N ASN D 159 -41.82 -16.91 -8.62
CA ASN D 159 -43.16 -16.66 -8.11
C ASN D 159 -43.39 -15.19 -7.84
N GLY D 160 -42.68 -14.33 -8.58
CA GLY D 160 -42.84 -12.89 -8.38
C GLY D 160 -44.25 -12.41 -8.71
N ASP D 161 -44.86 -12.98 -9.74
CA ASP D 161 -46.14 -12.46 -10.20
C ASP D 161 -47.24 -12.61 -9.15
N ARG D 162 -47.09 -13.58 -8.27
CA ARG D 162 -48.10 -13.88 -7.29
C ARG D 162 -47.68 -13.52 -5.88
N TYR D 163 -46.40 -13.27 -5.67
CA TYR D 163 -45.95 -12.98 -4.32
C TYR D 163 -45.02 -11.77 -4.25
N ASP D 164 -43.79 -11.90 -4.75
CA ASP D 164 -42.79 -10.88 -4.48
C ASP D 164 -43.20 -9.52 -5.03
N PHE D 165 -43.67 -9.48 -6.29
CA PHE D 165 -44.00 -8.19 -6.89
C PHE D 165 -45.24 -7.56 -6.21
N PRO D 166 -46.36 -8.27 -6.05
CA PRO D 166 -47.49 -7.64 -5.34
C PRO D 166 -47.13 -7.19 -3.92
N LEU D 167 -46.32 -7.97 -3.20
CA LEU D 167 -45.95 -7.59 -1.84
C LEU D 167 -45.08 -6.32 -1.85
N LEU D 168 -44.09 -6.28 -2.74
CA LEU D 168 -43.25 -5.09 -2.83
C LEU D 168 -44.07 -3.86 -3.22
N GLN D 169 -45.06 -4.04 -4.11
CA GLN D 169 -45.92 -2.93 -4.46
C GLN D 169 -46.67 -2.40 -3.24
N THR D 170 -47.18 -3.31 -2.40
CA THR D 170 -47.89 -2.89 -1.19
C THR D 170 -46.94 -2.17 -0.24
N GLU D 171 -45.72 -2.68 -0.09
CA GLU D 171 -44.77 -2.04 0.81
C GLU D 171 -44.43 -0.63 0.35
N LEU D 172 -44.23 -0.44 -0.97
CA LEU D 172 -43.83 0.87 -1.48
C LEU D 172 -45.00 1.85 -1.51
N ALA D 173 -46.23 1.34 -1.70
CA ALA D 173 -47.39 2.22 -1.68
C ALA D 173 -47.59 2.83 -0.30
N ARG D 174 -47.09 2.16 0.74
CA ARG D 174 -47.19 2.70 2.10
C ARG D 174 -46.38 3.96 2.28
N LEU D 175 -45.47 4.26 1.35
CA LEU D 175 -44.47 5.31 1.57
C LEU D 175 -44.90 6.61 0.93
N SER D 176 -44.23 7.69 1.35
CA SER D 176 -44.49 9.02 0.81
C SER D 176 -43.75 9.25 -0.50
N THR D 177 -42.53 8.73 -0.63
CA THR D 177 -41.76 8.95 -1.84
C THR D 177 -42.40 8.22 -3.02
N PRO D 178 -42.29 8.77 -4.24
CA PRO D 178 -42.72 8.01 -5.42
C PRO D 178 -42.00 6.68 -5.50
N SER D 179 -42.70 5.67 -6.00
CA SER D 179 -42.12 4.35 -6.08
C SER D 179 -40.83 4.38 -6.90
N PRO D 180 -39.71 3.88 -6.37
CA PRO D 180 -38.48 3.84 -7.18
C PRO D 180 -38.54 2.82 -8.31
N LEU D 181 -39.61 2.03 -8.41
CA LEU D 181 -39.68 0.96 -9.39
C LEU D 181 -40.62 1.26 -10.55
N ASP D 182 -41.16 2.48 -10.63
CA ASP D 182 -42.23 2.71 -11.61
C ASP D 182 -41.68 2.78 -13.03
N GLY D 183 -40.39 2.98 -13.18
CA GLY D 183 -39.76 2.86 -14.49
C GLY D 183 -39.15 1.51 -14.78
N THR D 184 -39.26 0.56 -13.86
CA THR D 184 -38.63 -0.75 -13.97
C THR D 184 -39.65 -1.80 -14.44
N PHE D 185 -39.14 -2.84 -15.08
CA PHE D 185 -39.98 -3.92 -15.59
C PHE D 185 -39.79 -5.16 -14.72
N CYS D 186 -40.63 -6.18 -14.99
CA CYS D 186 -40.61 -7.36 -14.13
C CYS D 186 -41.04 -8.58 -14.94
N VAL D 187 -40.51 -9.74 -14.52
CA VAL D 187 -40.96 -11.03 -15.02
C VAL D 187 -40.89 -12.06 -13.90
N ASP D 188 -41.75 -13.08 -14.01
CA ASP D 188 -41.70 -14.25 -13.14
C ASP D 188 -40.83 -15.33 -13.77
N SER D 189 -39.84 -15.80 -13.02
CA SER D 189 -38.93 -16.82 -13.53
C SER D 189 -39.56 -18.20 -13.59
N ILE D 190 -40.66 -18.45 -12.89
CA ILE D 190 -41.37 -19.71 -13.09
C ILE D 190 -41.79 -19.85 -14.55
N ALA D 191 -42.48 -18.83 -15.05
CA ALA D 191 -42.89 -18.83 -16.45
C ALA D 191 -41.70 -18.96 -17.39
N ALA D 192 -40.59 -18.29 -17.06
CA ALA D 192 -39.42 -18.34 -17.93
C ALA D 192 -38.87 -19.75 -18.03
N LEU D 193 -38.62 -20.38 -16.89
CA LEU D 193 -38.05 -21.71 -16.89
C LEU D 193 -39.02 -22.75 -17.45
N LYS D 194 -40.32 -22.55 -17.27
CA LYS D 194 -41.30 -23.40 -17.93
C LYS D 194 -41.11 -23.34 -19.43
N ALA D 195 -41.03 -22.13 -19.98
CA ALA D 195 -40.86 -21.96 -21.42
C ALA D 195 -39.53 -22.52 -21.90
N LEU D 196 -38.45 -22.24 -21.17
CA LEU D 196 -37.14 -22.73 -21.59
C LEU D 196 -37.08 -24.25 -21.59
N GLU D 197 -37.65 -24.88 -20.55
CA GLU D 197 -37.61 -26.33 -20.49
C GLU D 197 -38.51 -26.95 -21.56
N GLN D 198 -39.69 -26.38 -21.77
CA GLN D 198 -40.59 -26.92 -22.79
C GLN D 198 -39.96 -26.81 -24.17
N ALA D 199 -39.23 -25.73 -24.43
CA ALA D 199 -38.50 -25.59 -25.69
C ALA D 199 -37.40 -26.63 -25.81
N SER D 200 -36.87 -27.11 -24.69
CA SER D 200 -35.87 -28.17 -24.71
C SER D 200 -36.50 -29.56 -24.87
N SER D 201 -37.82 -29.67 -24.72
CA SER D 201 -38.51 -30.92 -25.04
C SER D 201 -40.02 -30.73 -24.96
N SER D 207 -44.04 -35.44 -18.07
CA SER D 207 -44.85 -35.31 -16.87
C SER D 207 -45.04 -33.85 -16.47
N ARG D 208 -45.88 -33.63 -15.46
CA ARG D 208 -46.00 -32.32 -14.83
C ARG D 208 -44.79 -32.11 -13.93
N LYS D 209 -43.93 -31.17 -14.30
CA LYS D 209 -42.70 -30.94 -13.55
C LYS D 209 -42.93 -29.90 -12.46
N SER D 210 -42.14 -29.98 -11.39
CA SER D 210 -42.22 -28.97 -10.35
C SER D 210 -41.37 -27.77 -10.72
N TYR D 211 -41.93 -26.58 -10.52
CA TYR D 211 -41.19 -25.35 -10.74
C TYR D 211 -40.95 -24.59 -9.45
N SER D 212 -40.90 -25.32 -8.33
CA SER D 212 -40.26 -24.79 -7.14
C SER D 212 -38.79 -24.54 -7.41
N LEU D 213 -38.25 -23.48 -6.80
CA LEU D 213 -36.86 -23.09 -7.05
C LEU D 213 -35.92 -24.27 -6.90
N GLY D 214 -36.00 -24.99 -5.78
CA GLY D 214 -35.09 -26.09 -5.53
C GLY D 214 -35.23 -27.24 -6.50
N SER D 215 -36.47 -27.53 -6.91
CA SER D 215 -36.68 -28.62 -7.86
C SER D 215 -36.05 -28.30 -9.21
N ILE D 216 -36.20 -27.07 -9.69
CA ILE D 216 -35.60 -26.72 -10.98
C ILE D 216 -34.08 -26.88 -10.91
N TYR D 217 -33.48 -26.35 -9.84
CA TYR D 217 -32.03 -26.41 -9.66
C TYR D 217 -31.55 -27.87 -9.66
N THR D 218 -32.20 -28.71 -8.86
CA THR D 218 -31.81 -30.12 -8.80
C THR D 218 -32.05 -30.82 -10.13
N ARG D 219 -33.11 -30.45 -10.83
CA ARG D 219 -33.40 -31.09 -12.11
C ARG D 219 -32.37 -30.72 -13.17
N LEU D 220 -31.83 -29.50 -13.12
CA LEU D 220 -30.88 -29.06 -14.12
C LEU D 220 -29.47 -29.51 -13.79
N TYR D 221 -29.09 -29.48 -12.51
CA TYR D 221 -27.70 -29.64 -12.10
C TYR D 221 -27.46 -30.86 -11.23
N TRP D 222 -28.52 -31.58 -10.85
CA TRP D 222 -28.37 -32.80 -10.04
C TRP D 222 -27.66 -32.50 -8.73
N GLN D 223 -27.98 -31.35 -8.13
CA GLN D 223 -27.42 -30.99 -6.84
C GLN D 223 -28.48 -30.22 -6.06
N ALA D 224 -28.36 -30.24 -4.74
CA ALA D 224 -29.27 -29.49 -3.90
C ALA D 224 -28.78 -28.05 -3.76
N PRO D 225 -29.68 -27.07 -3.73
CA PRO D 225 -29.27 -25.68 -3.51
C PRO D 225 -28.77 -25.48 -2.10
N THR D 226 -28.22 -24.29 -1.86
CA THR D 226 -27.67 -23.92 -0.56
C THR D 226 -28.37 -22.66 -0.04
N ASP D 227 -28.46 -22.57 1.29
CA ASP D 227 -29.06 -21.42 1.96
C ASP D 227 -30.49 -21.20 1.48
N SER D 228 -31.26 -22.30 1.46
CA SER D 228 -32.65 -22.24 1.07
C SER D 228 -33.41 -21.25 1.95
N HIS D 229 -34.35 -20.53 1.33
CA HIS D 229 -35.29 -19.67 2.05
C HIS D 229 -34.59 -18.53 2.79
N THR D 230 -33.42 -18.11 2.31
CA THR D 230 -32.85 -16.82 2.67
C THR D 230 -32.77 -15.98 1.40
N ALA D 231 -33.00 -14.67 1.54
CA ALA D 231 -33.12 -13.81 0.37
C ALA D 231 -31.93 -13.97 -0.55
N GLU D 232 -30.71 -13.81 -0.02
CA GLU D 232 -29.55 -13.88 -0.88
C GLU D 232 -29.32 -15.30 -1.38
N GLY D 233 -29.50 -16.29 -0.51
CA GLY D 233 -29.37 -17.68 -0.94
C GLY D 233 -30.26 -18.00 -2.12
N ASP D 234 -31.55 -17.65 -2.02
CA ASP D 234 -32.48 -17.97 -3.09
C ASP D 234 -32.23 -17.14 -4.34
N VAL D 235 -31.69 -15.94 -4.19
CA VAL D 235 -31.33 -15.13 -5.35
C VAL D 235 -30.19 -15.77 -6.12
N LEU D 236 -29.19 -16.29 -5.41
CA LEU D 236 -28.06 -16.93 -6.08
C LEU D 236 -28.48 -18.24 -6.75
N THR D 237 -29.36 -19.00 -6.10
CA THR D 237 -29.92 -20.18 -6.74
C THR D 237 -30.68 -19.80 -8.01
N LEU D 238 -31.47 -18.73 -7.94
CA LEU D 238 -32.21 -18.26 -9.11
C LEU D 238 -31.27 -17.84 -10.23
N LEU D 239 -30.20 -17.11 -9.89
CA LEU D 239 -29.23 -16.73 -10.91
C LEU D 239 -28.69 -17.97 -11.63
N SER D 240 -28.34 -19.01 -10.87
CA SER D 240 -27.76 -20.22 -11.43
C SER D 240 -28.71 -20.87 -12.44
N ILE D 241 -29.99 -20.99 -12.11
CA ILE D 241 -30.90 -21.61 -13.07
C ILE D 241 -31.12 -20.71 -14.27
N CYS D 242 -31.12 -19.39 -14.09
CA CYS D 242 -31.29 -18.49 -15.24
C CYS D 242 -30.07 -18.48 -16.14
N GLN D 243 -28.90 -18.84 -15.60
CA GLN D 243 -27.69 -18.99 -16.39
C GLN D 243 -27.63 -20.30 -17.16
N TRP D 244 -28.61 -21.18 -16.98
CA TRP D 244 -28.63 -22.46 -17.69
C TRP D 244 -28.65 -22.24 -19.21
N LYS D 245 -29.59 -21.43 -19.70
CA LYS D 245 -29.69 -21.09 -21.12
C LYS D 245 -29.80 -19.57 -21.22
N PRO D 246 -28.67 -18.86 -21.14
CA PRO D 246 -28.74 -17.39 -20.97
C PRO D 246 -29.35 -16.67 -22.16
N GLN D 247 -28.95 -17.01 -23.38
CA GLN D 247 -29.51 -16.33 -24.54
C GLN D 247 -31.01 -16.57 -24.66
N ALA D 248 -31.45 -17.80 -24.43
CA ALA D 248 -32.87 -18.09 -24.48
C ALA D 248 -33.61 -17.34 -23.37
N LEU D 249 -32.99 -17.24 -22.19
CA LEU D 249 -33.62 -16.50 -21.09
C LEU D 249 -33.79 -15.04 -21.47
N LEU D 250 -32.75 -14.42 -22.02
CA LEU D 250 -32.81 -13.00 -22.35
C LEU D 250 -33.87 -12.70 -23.39
N GLN D 251 -34.00 -13.53 -24.43
CA GLN D 251 -35.05 -13.26 -25.41
C GLN D 251 -36.43 -13.42 -24.79
N TRP D 252 -36.61 -14.45 -23.95
CA TRP D 252 -37.88 -14.61 -23.26
C TRP D 252 -38.18 -13.39 -22.40
N VAL D 253 -37.19 -12.93 -21.63
CA VAL D 253 -37.39 -11.78 -20.76
C VAL D 253 -37.74 -10.55 -21.60
N ASP D 254 -36.97 -10.32 -22.66
CA ASP D 254 -37.28 -9.20 -23.56
C ASP D 254 -38.73 -9.25 -24.02
N GLU D 255 -39.22 -10.45 -24.34
CA GLU D 255 -40.55 -10.58 -24.91
C GLU D 255 -41.66 -10.48 -23.86
N HIS D 256 -41.40 -10.86 -22.62
CA HIS D 256 -42.46 -10.96 -21.61
C HIS D 256 -42.35 -9.93 -20.50
N ALA D 257 -41.29 -9.13 -20.50
CA ALA D 257 -41.17 -8.07 -19.50
C ALA D 257 -42.40 -7.17 -19.52
N ARG D 258 -42.89 -6.84 -18.33
CA ARG D 258 -44.01 -5.91 -18.19
C ARG D 258 -43.69 -4.86 -17.14
N PRO D 259 -44.34 -3.71 -17.22
CA PRO D 259 -44.01 -2.61 -16.29
C PRO D 259 -44.37 -2.97 -14.86
N PHE D 260 -43.42 -2.79 -13.95
CA PHE D 260 -43.72 -3.00 -12.54
C PHE D 260 -44.85 -2.10 -12.06
N SER D 261 -45.02 -0.95 -12.71
CA SER D 261 -46.11 -0.04 -12.35
C SER D 261 -47.47 -0.69 -12.51
N THR D 262 -47.58 -1.76 -13.30
CA THR D 262 -48.86 -2.42 -13.52
C THR D 262 -49.14 -3.53 -12.53
N VAL D 263 -48.19 -3.83 -11.64
CA VAL D 263 -48.40 -4.92 -10.68
C VAL D 263 -49.43 -4.48 -9.64
N LYS D 264 -50.43 -5.32 -9.43
CA LYS D 264 -51.46 -5.09 -8.43
C LYS D 264 -50.85 -5.25 -7.03
N PRO D 265 -51.19 -4.37 -6.08
CA PRO D 265 -50.79 -4.62 -4.70
C PRO D 265 -51.34 -5.95 -4.20
N MET D 266 -50.58 -6.61 -3.32
CA MET D 266 -51.09 -7.83 -2.70
C MET D 266 -52.29 -7.54 -1.82
N TYR D 267 -52.30 -6.38 -1.16
CA TYR D 267 -53.41 -6.00 -0.30
C TYR D 267 -53.31 -4.50 -0.04
N GLY D 268 -54.41 -3.95 0.45
CA GLY D 268 -54.48 -2.52 0.71
C GLY D 268 -54.59 -2.22 2.19
#